data_6FYW
#
_entry.id   6FYW
#
_cell.length_a   189.040
_cell.length_b   189.040
_cell.length_c   189.040
_cell.angle_alpha   90.00
_cell.angle_beta   90.00
_cell.angle_gamma   90.00
#
_symmetry.space_group_name_H-M   'I 21 3'
#
loop_
_entity.id
_entity.type
_entity.pdbx_description
1 polymer Hemagglutinin
2 polymer Hemagglutinin
3 polymer 'Single domain antibody SD83'
4 branched alpha-D-mannopyranose-(1-3)-beta-D-mannopyranose-(1-4)-2-acetamido-2-deoxy-beta-D-glucopyranose-(1-4)-2-acetamido-2-deoxy-beta-D-glucopyranose
5 branched alpha-D-mannopyranose-(1-3)-[alpha-D-mannopyranose-(1-6)]alpha-D-mannopyranose-(1-6)-[alpha-D-mannopyranose-(1-3)]beta-D-mannopyranose-(1-4)-2-acetamido-2-deoxy-beta-D-glucopyranose-(1-4)-2-acetamido-2-deoxy-beta-D-glucopyranose
6 branched 2-acetamido-2-deoxy-beta-D-glucopyranose-(1-4)-2-acetamido-2-deoxy-beta-D-glucopyranose
7 branched alpha-D-mannopyranose-(1-2)-alpha-D-mannopyranose-(1-3)-beta-D-mannopyranose-(1-4)-2-acetamido-2-deoxy-beta-D-glucopyranose-(1-4)-2-acetamido-2-deoxy-beta-D-glucopyranose
8 non-polymer 2-acetamido-2-deoxy-beta-D-glucopyranose
9 non-polymer GLYCEROL
10 water water
#
loop_
_entity_poly.entity_id
_entity_poly.type
_entity_poly.pdbx_seq_one_letter_code
_entity_poly.pdbx_strand_id
1 'polypeptide(L)'
;DRICTGITSSNSPHVVKTATQGEVNVTGVIPLTTTPTKSHFANLKGTETRGKLCPKCLNCTDLDVALGRPKCTGKIPSAR
VSILHEVRPVTSGCFPIMHDRTKIRQLPNLLRGYEHIRLSTHNVINAENAPGGPYKIGTSGSCPNITNGNGFFATMAWAV
PKNDKNKTATNPLTIEVPYICTEGEDQITVWGFHSDNETQMAKLYGDSKPQKFTSSANGVTTHYVSQIGGFPNQTEDGGL
PQSGRIVVDYMVQKSGKTGTITYQRGILLPQKVWCASGRSKVIKGSLPLIGEADCLHEKYGGLNKSKPYYTGEHAKAIGN
CPIWVKTPLKLANGTKYRPPAKLLKER
;
A
2 'polypeptide(L)'
;GFFGAIAGFLEGGWEGMIAGWHGYTSHGAHGVAVAADLKSTQEAINKITKNLNSLSELEVKNLQRLSGAMDELHNEILEL
DEKVDDLRADTISSQIELAVLLSNEGIINSEDEHLLALERKLKKMLGPSAVEIGNGCFETKHKCNQTCLDRIAAGTFDAG
EFSLPTFDSLNITAASSGR
;
B
3 'polypeptide(L)'
;EVQLVESGGGLVQPGGSLRLSCAATGFTLENKAIGWFRQTPGSEREGVLCISKSGSWTYYTDSMRGRFTISRDNAENTVY
LQMDSLKPEDTAVYYCATTTAGGGLCWDGTTFSRLASSWGQGTQVTVSS
;
C
#
loop_
_chem_comp.id
_chem_comp.type
_chem_comp.name
_chem_comp.formula
BMA D-saccharide, beta linking beta-D-mannopyranose 'C6 H12 O6'
GOL non-polymer GLYCEROL 'C3 H8 O3'
MAN D-saccharide, alpha linking alpha-D-mannopyranose 'C6 H12 O6'
NAG D-saccharide, beta linking 2-acetamido-2-deoxy-beta-D-glucopyranose 'C8 H15 N O6'
#
# COMPACT_ATOMS: atom_id res chain seq x y z
N THR A 5 53.21 10.50 -3.11
CA THR A 5 51.84 10.83 -2.74
C THR A 5 50.89 9.69 -3.14
N GLY A 6 49.85 9.48 -2.36
CA GLY A 6 48.94 8.40 -2.66
C GLY A 6 47.70 8.40 -1.79
N ILE A 7 47.02 7.25 -1.78
CA ILE A 7 45.74 7.08 -1.09
C ILE A 7 45.78 5.77 -0.32
N THR A 8 45.35 5.80 0.94
CA THR A 8 45.29 4.60 1.75
C THR A 8 44.08 3.76 1.38
N SER A 9 44.10 2.49 1.78
CA SER A 9 43.01 1.59 1.48
C SER A 9 42.88 0.55 2.59
N SER A 10 41.76 -0.15 2.59
CA SER A 10 41.55 -1.26 3.52
C SER A 10 42.32 -2.51 3.11
N ASN A 11 42.85 -2.55 1.88
CA ASN A 11 43.68 -3.66 1.41
C ASN A 11 42.91 -4.99 1.42
N SER A 12 41.62 -4.93 1.07
CA SER A 12 40.79 -6.12 0.95
C SER A 12 39.91 -5.97 -0.28
N PRO A 13 39.75 -7.03 -1.06
CA PRO A 13 39.00 -6.91 -2.32
C PRO A 13 37.50 -7.07 -2.14
N HIS A 14 36.77 -6.27 -2.91
CA HIS A 14 35.31 -6.40 -3.02
C HIS A 14 34.94 -6.10 -4.46
N VAL A 15 34.29 -7.05 -5.12
CA VAL A 15 33.99 -6.91 -6.55
C VAL A 15 32.79 -5.99 -6.74
N VAL A 16 32.91 -5.06 -7.67
CA VAL A 16 31.78 -4.29 -8.17
C VAL A 16 31.77 -4.41 -9.69
N LYS A 17 30.67 -3.96 -10.29
CA LYS A 17 30.52 -3.96 -11.74
C LYS A 17 30.53 -2.52 -12.23
N THR A 18 31.15 -2.30 -13.38
CA THR A 18 31.20 -0.99 -14.00
C THR A 18 30.58 -1.06 -15.39
N ALA A 19 30.37 0.11 -16.00
CA ALA A 19 29.62 0.18 -17.24
C ALA A 19 30.45 -0.23 -18.45
N THR A 20 31.74 0.15 -18.46
CA THR A 20 32.60 -0.12 -19.61
C THR A 20 33.80 -0.99 -19.31
N GLN A 21 34.10 -1.28 -18.04
CA GLN A 21 35.27 -2.05 -17.68
C GLN A 21 34.94 -3.40 -17.06
N GLY A 22 33.66 -3.77 -16.99
CA GLY A 22 33.31 -5.06 -16.41
C GLY A 22 33.50 -5.07 -14.90
N GLU A 23 33.78 -6.26 -14.37
CA GLU A 23 33.99 -6.40 -12.95
C GLU A 23 35.34 -5.81 -12.53
N VAL A 24 35.36 -5.16 -11.38
CA VAL A 24 36.57 -4.56 -10.81
C VAL A 24 36.56 -4.79 -9.30
N ASN A 25 37.69 -5.23 -8.75
CA ASN A 25 37.86 -5.31 -7.31
C ASN A 25 38.20 -3.93 -6.76
N VAL A 26 37.46 -3.51 -5.72
CA VAL A 26 37.70 -2.23 -5.08
C VAL A 26 37.87 -2.45 -3.59
N THR A 27 38.22 -1.36 -2.90
CA THR A 27 38.61 -1.42 -1.50
C THR A 27 37.41 -1.52 -0.56
N GLY A 28 36.27 -0.93 -0.93
CA GLY A 28 35.09 -1.01 -0.11
C GLY A 28 33.84 -0.86 -0.95
N VAL A 29 32.71 -1.26 -0.37
CA VAL A 29 31.42 -1.23 -1.04
C VAL A 29 30.35 -0.78 -0.06
N ILE A 30 29.25 -0.28 -0.63
CA ILE A 30 28.03 0.02 0.13
C ILE A 30 26.88 -0.77 -0.50
N PRO A 31 26.32 -1.76 0.20
CA PRO A 31 25.16 -2.48 -0.35
C PRO A 31 23.95 -1.56 -0.46
N LEU A 32 23.22 -1.69 -1.56
CA LEU A 32 22.10 -0.82 -1.86
C LEU A 32 20.75 -1.51 -1.75
N THR A 33 20.72 -2.79 -1.36
CA THR A 33 19.49 -3.57 -1.35
C THR A 33 19.32 -4.29 -0.02
N THR A 34 18.07 -4.64 0.27
CA THR A 34 17.73 -5.63 1.29
C THR A 34 16.69 -6.57 0.69
N THR A 35 16.43 -7.66 1.41
CA THR A 35 15.31 -8.53 1.08
C THR A 35 14.24 -8.35 2.16
N PRO A 36 13.08 -7.81 1.83
CA PRO A 36 12.02 -7.62 2.84
C PRO A 36 11.49 -8.96 3.33
N THR A 37 10.78 -8.90 4.46
CA THR A 37 10.07 -10.04 5.00
C THR A 37 8.59 -9.71 5.09
N LYS A 38 7.78 -10.76 5.19
CA LYS A 38 6.33 -10.60 5.14
C LYS A 38 5.78 -10.26 6.52
N SER A 39 4.81 -9.35 6.55
N SER A 39 4.81 -9.35 6.55
CA SER A 39 4.13 -8.97 7.78
CA SER A 39 4.13 -8.98 7.78
C SER A 39 2.75 -8.43 7.41
C SER A 39 2.74 -8.46 7.41
N HIS A 40 2.03 -7.95 8.42
CA HIS A 40 0.67 -7.47 8.22
C HIS A 40 0.64 -6.20 7.37
N PHE A 41 -0.52 -5.94 6.79
CA PHE A 41 -0.72 -4.69 6.06
C PHE A 41 -1.00 -3.56 7.05
N ALA A 42 -0.94 -2.33 6.53
CA ALA A 42 -1.01 -1.17 7.39
C ALA A 42 -1.60 0.00 6.60
N ASN A 43 -1.87 1.09 7.31
N ASN A 43 -1.85 1.09 7.30
CA ASN A 43 -2.22 2.33 6.65
CA ASN A 43 -2.23 2.33 6.64
C ASN A 43 -1.03 2.85 5.85
C ASN A 43 -1.04 2.89 5.86
N LEU A 44 -1.30 3.38 4.67
CA LEU A 44 -0.25 4.00 3.87
C LEU A 44 0.01 5.39 4.40
N LYS A 45 1.24 5.66 4.81
CA LYS A 45 1.58 6.98 5.32
C LYS A 45 1.30 8.05 4.28
N GLY A 46 0.61 9.10 4.70
CA GLY A 46 0.23 10.18 3.82
C GLY A 46 -1.12 10.02 3.15
N THR A 47 -1.86 8.96 3.45
CA THR A 47 -3.16 8.72 2.85
C THR A 47 -4.16 8.26 3.89
N GLU A 48 -5.43 8.33 3.51
CA GLU A 48 -6.48 7.55 4.13
C GLU A 48 -6.66 6.30 3.27
N THR A 49 -6.32 5.14 3.82
CA THR A 49 -6.35 3.88 3.08
C THR A 49 -7.70 3.21 3.30
N ARG A 50 -8.41 2.97 2.20
CA ARG A 50 -9.72 2.35 2.25
C ARG A 50 -9.57 0.83 2.40
N GLY A 51 -10.13 0.30 3.48
CA GLY A 51 -10.34 -1.12 3.69
C GLY A 51 -11.80 -1.46 3.44
N LYS A 52 -12.63 -1.37 4.47
CA LYS A 52 -14.07 -1.45 4.27
C LYS A 52 -14.57 -0.20 3.57
N LEU A 53 -15.64 -0.35 2.79
CA LEU A 53 -16.23 0.80 2.10
C LEU A 53 -16.77 1.82 3.10
N CYS A 54 -17.52 1.35 4.09
CA CYS A 54 -18.10 2.20 5.13
C CYS A 54 -17.71 1.64 6.49
N PRO A 55 -16.53 2.01 7.00
CA PRO A 55 -16.11 1.50 8.31
C PRO A 55 -17.05 1.86 9.45
N LYS A 56 -17.73 3.01 9.38
CA LYS A 56 -18.68 3.36 10.42
C LYS A 56 -19.93 2.50 10.37
N CYS A 57 -20.25 1.92 9.21
CA CYS A 57 -21.36 0.97 9.11
C CYS A 57 -20.97 -0.31 9.83
N LEU A 58 -21.43 -0.45 11.08
CA LEU A 58 -20.99 -1.55 11.93
C LEU A 58 -21.75 -2.83 11.60
N ASN A 59 -21.03 -3.96 11.69
CA ASN A 59 -21.58 -5.29 11.43
C ASN A 59 -22.14 -5.41 10.00
N CYS A 60 -21.54 -4.69 9.07
CA CYS A 60 -21.88 -4.77 7.65
C CYS A 60 -20.65 -5.18 6.86
N THR A 61 -20.85 -6.01 5.84
CA THR A 61 -19.78 -6.30 4.90
C THR A 61 -19.81 -5.29 3.76
N ASP A 62 -18.76 -5.31 2.95
CA ASP A 62 -18.71 -4.43 1.79
C ASP A 62 -19.84 -4.73 0.82
N LEU A 63 -20.16 -6.01 0.63
CA LEU A 63 -21.27 -6.36 -0.25
C LEU A 63 -22.61 -5.94 0.36
N ASP A 64 -22.76 -6.08 1.68
CA ASP A 64 -23.92 -5.53 2.38
C ASP A 64 -24.11 -4.06 2.03
N VAL A 65 -23.03 -3.29 2.14
CA VAL A 65 -23.10 -1.86 1.84
C VAL A 65 -23.39 -1.64 0.36
N ALA A 66 -22.76 -2.43 -0.52
CA ALA A 66 -22.95 -2.23 -1.95
C ALA A 66 -24.39 -2.48 -2.38
N LEU A 67 -25.11 -3.35 -1.66
CA LEU A 67 -26.49 -3.66 -1.99
C LEU A 67 -27.49 -2.78 -1.24
N GLY A 68 -27.02 -1.96 -0.32
CA GLY A 68 -27.93 -1.09 0.40
C GLY A 68 -28.72 -1.80 1.48
N ARG A 69 -28.11 -2.78 2.13
CA ARG A 69 -28.76 -3.48 3.22
C ARG A 69 -29.21 -2.49 4.29
N PRO A 70 -30.42 -2.64 4.82
CA PRO A 70 -30.87 -1.74 5.89
C PRO A 70 -29.89 -1.76 7.06
N LYS A 71 -29.68 -0.58 7.65
CA LYS A 71 -28.69 -0.28 8.67
C LYS A 71 -27.25 -0.30 8.13
N CYS A 72 -27.06 -0.45 6.82
CA CYS A 72 -25.74 -0.47 6.22
C CYS A 72 -25.61 0.61 5.15
N THR A 73 -26.32 1.72 5.33
CA THR A 73 -26.19 2.89 4.47
C THR A 73 -25.46 4.00 5.21
N GLY A 74 -25.07 5.02 4.45
CA GLY A 74 -24.25 6.10 4.98
C GLY A 74 -23.11 6.43 4.04
N LYS A 75 -22.40 7.50 4.40
CA LYS A 75 -21.38 8.05 3.52
C LYS A 75 -20.21 7.08 3.33
N ILE A 76 -19.74 6.99 2.09
CA ILE A 76 -18.55 6.22 1.75
C ILE A 76 -17.39 7.20 1.61
N PRO A 77 -16.40 7.17 2.50
CA PRO A 77 -15.31 8.14 2.39
C PRO A 77 -14.52 7.95 1.11
N SER A 78 -14.16 9.08 0.48
CA SER A 78 -13.29 9.03 -0.68
C SER A 78 -11.91 8.52 -0.28
N ALA A 79 -11.21 7.91 -1.24
CA ALA A 79 -9.90 7.33 -0.95
C ALA A 79 -9.11 7.20 -2.25
N ARG A 80 -7.91 7.79 -2.27
CA ARG A 80 -7.00 7.62 -3.39
C ARG A 80 -6.32 6.27 -3.40
N VAL A 81 -6.47 5.49 -2.32
CA VAL A 81 -5.75 4.23 -2.15
C VAL A 81 -6.71 3.24 -1.47
N SER A 82 -6.81 2.04 -2.03
CA SER A 82 -7.75 1.04 -1.53
C SER A 82 -7.11 -0.34 -1.50
N ILE A 83 -7.58 -1.16 -0.57
CA ILE A 83 -7.10 -2.53 -0.38
C ILE A 83 -8.22 -3.47 -0.80
N LEU A 84 -7.93 -4.37 -1.72
CA LEU A 84 -8.86 -5.43 -2.10
C LEU A 84 -8.62 -6.60 -1.16
N HIS A 85 -9.49 -6.75 -0.16
CA HIS A 85 -9.30 -7.74 0.89
C HIS A 85 -10.23 -8.94 0.79
N GLU A 86 -11.20 -8.92 -0.13
CA GLU A 86 -12.09 -10.06 -0.38
C GLU A 86 -12.09 -10.35 -1.87
N VAL A 87 -11.45 -11.45 -2.27
CA VAL A 87 -11.54 -11.86 -3.67
C VAL A 87 -12.97 -12.25 -4.02
N ARG A 88 -13.73 -12.72 -3.03
CA ARG A 88 -15.12 -13.14 -3.22
C ARG A 88 -15.95 -12.59 -2.07
N PRO A 89 -16.38 -11.33 -2.16
CA PRO A 89 -17.12 -10.71 -1.06
C PRO A 89 -18.41 -11.43 -0.74
N VAL A 90 -18.76 -11.44 0.55
CA VAL A 90 -19.92 -12.13 1.05
C VAL A 90 -20.87 -11.13 1.70
N THR A 91 -22.16 -11.49 1.73
CA THR A 91 -23.15 -10.77 2.52
C THR A 91 -23.20 -11.35 3.92
N SER A 92 -23.92 -10.66 4.81
CA SER A 92 -24.07 -11.14 6.18
C SER A 92 -25.46 -10.79 6.74
N GLY A 93 -26.47 -10.76 5.88
CA GLY A 93 -27.82 -10.48 6.33
C GLY A 93 -28.76 -10.30 5.17
N CYS A 94 -30.00 -9.94 5.52
CA CYS A 94 -31.06 -9.61 4.57
C CYS A 94 -31.52 -10.85 3.79
N PHE A 95 -32.23 -10.63 2.70
CA PHE A 95 -32.90 -11.74 2.01
C PHE A 95 -31.87 -12.63 1.30
N PRO A 96 -32.09 -13.95 1.31
CA PRO A 96 -31.09 -14.87 0.74
C PRO A 96 -30.90 -14.67 -0.75
N ILE A 97 -29.64 -14.58 -1.15
CA ILE A 97 -29.25 -14.37 -2.55
C ILE A 97 -28.56 -15.63 -3.06
N MET A 98 -28.83 -15.98 -4.32
CA MET A 98 -28.04 -16.98 -5.02
C MET A 98 -26.91 -16.23 -5.75
N HIS A 99 -25.85 -15.96 -4.98
CA HIS A 99 -24.85 -14.98 -5.41
C HIS A 99 -24.18 -15.38 -6.72
N ASP A 100 -23.76 -16.63 -6.82
CA ASP A 100 -22.86 -17.03 -7.91
C ASP A 100 -23.55 -17.21 -9.25
N ARG A 101 -24.85 -16.94 -9.34
CA ARG A 101 -25.52 -16.99 -10.63
C ARG A 101 -25.36 -15.69 -11.41
N THR A 102 -24.73 -14.67 -10.83
CA THR A 102 -24.38 -13.44 -11.52
C THR A 102 -22.97 -13.02 -11.11
N LYS A 103 -22.58 -11.82 -11.54
CA LYS A 103 -21.30 -11.22 -11.21
C LYS A 103 -21.36 -10.33 -9.96
N ILE A 104 -22.43 -10.45 -9.16
CA ILE A 104 -22.76 -9.44 -8.17
C ILE A 104 -21.69 -9.35 -7.08
N ARG A 105 -21.00 -10.45 -6.79
CA ARG A 105 -20.00 -10.43 -5.72
C ARG A 105 -18.91 -9.41 -5.99
N GLN A 106 -18.61 -9.13 -7.26
CA GLN A 106 -17.55 -8.19 -7.59
C GLN A 106 -17.96 -6.73 -7.49
N LEU A 107 -19.24 -6.46 -7.28
CA LEU A 107 -19.71 -5.08 -7.21
C LEU A 107 -18.94 -4.21 -6.22
N PRO A 108 -18.73 -4.61 -4.96
CA PRO A 108 -17.94 -3.75 -4.07
C PRO A 108 -16.48 -3.63 -4.49
N ASN A 109 -15.93 -4.63 -5.18
CA ASN A 109 -14.58 -4.49 -5.70
C ASN A 109 -14.54 -3.54 -6.89
N LEU A 110 -15.61 -3.51 -7.70
CA LEU A 110 -15.70 -2.49 -8.73
C LEU A 110 -15.80 -1.10 -8.11
N LEU A 111 -16.58 -0.96 -7.04
CA LEU A 111 -16.76 0.34 -6.42
C LEU A 111 -15.45 0.87 -5.85
N ARG A 112 -14.67 0.01 -5.19
CA ARG A 112 -13.45 0.48 -4.54
C ARG A 112 -12.39 0.94 -5.54
N GLY A 113 -12.55 0.63 -6.82
CA GLY A 113 -11.66 1.16 -7.84
C GLY A 113 -11.84 2.64 -8.13
N TYR A 114 -12.96 3.22 -7.68
CA TYR A 114 -13.19 4.65 -7.83
C TYR A 114 -12.73 5.39 -6.58
N GLU A 115 -12.31 6.64 -6.76
CA GLU A 115 -11.94 7.45 -5.60
C GLU A 115 -13.18 7.89 -4.83
N HIS A 116 -14.21 8.37 -5.54
CA HIS A 116 -15.42 8.88 -4.93
C HIS A 116 -16.59 7.93 -5.21
N ILE A 117 -17.32 7.57 -4.16
CA ILE A 117 -18.44 6.63 -4.24
C ILE A 117 -19.58 7.20 -3.40
N ARG A 118 -20.78 7.23 -3.97
CA ARG A 118 -21.94 7.66 -3.20
C ARG A 118 -23.19 6.99 -3.75
N LEU A 119 -24.13 6.73 -2.85
CA LEU A 119 -25.44 6.22 -3.20
C LEU A 119 -26.37 7.39 -3.49
N SER A 120 -27.10 7.31 -4.59
CA SER A 120 -27.98 8.41 -4.98
C SER A 120 -29.08 8.59 -3.94
N THR A 121 -29.52 9.84 -3.78
CA THR A 121 -30.62 10.15 -2.88
C THR A 121 -31.99 10.09 -3.55
N HIS A 122 -32.03 10.13 -4.88
CA HIS A 122 -33.26 9.97 -5.64
C HIS A 122 -33.42 8.53 -6.08
N ASN A 123 -34.67 8.14 -6.35
CA ASN A 123 -34.97 6.86 -6.97
C ASN A 123 -34.89 7.01 -8.48
N VAL A 124 -34.19 6.09 -9.14
CA VAL A 124 -33.93 6.27 -10.56
C VAL A 124 -35.22 6.14 -11.37
N ILE A 125 -36.17 5.32 -10.91
CA ILE A 125 -37.50 5.21 -11.50
C ILE A 125 -38.50 5.03 -10.38
N ASN A 126 -39.77 5.24 -10.71
CA ASN A 126 -40.86 5.06 -9.76
C ASN A 126 -41.36 3.62 -9.85
N ALA A 127 -41.18 2.86 -8.77
CA ALA A 127 -41.46 1.42 -8.83
C ALA A 127 -42.96 1.15 -8.87
N GLU A 128 -43.75 1.89 -8.09
CA GLU A 128 -45.17 1.57 -7.93
C GLU A 128 -45.92 1.59 -9.25
N ASN A 129 -45.56 2.52 -10.15
CA ASN A 129 -46.27 2.69 -11.41
C ASN A 129 -45.46 2.18 -12.60
N ALA A 130 -44.47 1.32 -12.35
CA ALA A 130 -43.67 0.76 -13.44
C ALA A 130 -44.54 -0.13 -14.33
N PRO A 131 -44.10 -0.40 -15.56
CA PRO A 131 -44.88 -1.28 -16.45
C PRO A 131 -45.21 -2.62 -15.80
N GLY A 132 -46.41 -3.10 -16.06
CA GLY A 132 -46.89 -4.35 -15.51
C GLY A 132 -47.51 -4.25 -14.13
N GLY A 133 -47.61 -3.04 -13.57
CA GLY A 133 -48.18 -2.86 -12.27
C GLY A 133 -49.66 -2.52 -12.32
N PRO A 134 -50.14 -1.73 -11.34
CA PRO A 134 -49.36 -1.12 -10.25
C PRO A 134 -48.83 -2.14 -9.25
N TYR A 135 -47.76 -1.79 -8.55
CA TYR A 135 -47.07 -2.69 -7.64
C TYR A 135 -47.11 -2.15 -6.21
N LYS A 136 -47.23 -3.07 -5.26
CA LYS A 136 -46.86 -2.76 -3.88
C LYS A 136 -45.42 -3.21 -3.67
N ILE A 137 -44.72 -2.50 -2.78
CA ILE A 137 -43.29 -2.68 -2.60
C ILE A 137 -43.05 -3.70 -1.49
N GLY A 138 -42.46 -4.83 -1.85
CA GLY A 138 -42.30 -5.91 -0.89
C GLY A 138 -41.22 -5.64 0.12
N THR A 139 -41.45 -6.13 1.34
CA THR A 139 -40.50 -6.05 2.44
C THR A 139 -40.38 -7.43 3.08
N SER A 140 -39.37 -7.60 3.92
CA SER A 140 -39.09 -8.91 4.49
C SER A 140 -38.59 -8.78 5.91
N GLY A 141 -38.95 -9.74 6.76
CA GLY A 141 -38.40 -9.84 8.09
C GLY A 141 -36.94 -10.23 8.11
N SER A 142 -36.41 -10.74 6.99
CA SER A 142 -34.98 -10.99 6.88
C SER A 142 -34.18 -9.71 6.85
N CYS A 143 -34.82 -8.57 6.56
CA CYS A 143 -34.13 -7.29 6.37
C CYS A 143 -34.72 -6.25 7.33
N PRO A 144 -34.42 -6.35 8.62
CA PRO A 144 -34.98 -5.39 9.58
C PRO A 144 -34.37 -4.01 9.41
N ASN A 145 -35.22 -2.99 9.46
CA ASN A 145 -34.75 -1.63 9.25
C ASN A 145 -34.41 -0.98 10.60
N ILE A 146 -34.31 0.36 10.64
CA ILE A 146 -33.71 1.03 11.78
C ILE A 146 -34.54 0.83 13.04
N THR A 147 -35.87 0.85 12.91
CA THR A 147 -36.76 0.55 14.02
C THR A 147 -37.26 -0.89 13.97
N ASN A 148 -36.52 -1.78 13.31
CA ASN A 148 -36.77 -3.22 13.26
C ASN A 148 -38.07 -3.58 12.55
N GLY A 149 -38.57 -2.70 11.68
CA GLY A 149 -39.64 -3.09 10.79
C GLY A 149 -39.12 -3.78 9.56
N ASN A 150 -40.02 -4.50 8.88
CA ASN A 150 -39.63 -5.20 7.66
C ASN A 150 -39.17 -4.22 6.59
N GLY A 151 -38.03 -4.51 5.98
CA GLY A 151 -37.50 -3.66 4.94
C GLY A 151 -36.93 -4.45 3.78
N PHE A 152 -36.07 -3.80 2.99
CA PHE A 152 -35.43 -4.44 1.84
C PHE A 152 -34.21 -3.61 1.46
N PHE A 153 -33.43 -4.14 0.52
CA PHE A 153 -32.26 -3.44 0.04
C PHE A 153 -32.65 -2.07 -0.52
N ALA A 154 -31.88 -1.04 -0.15
CA ALA A 154 -32.18 0.31 -0.60
C ALA A 154 -31.97 0.49 -2.10
N THR A 155 -31.15 -0.37 -2.72
CA THR A 155 -30.88 -0.23 -4.15
C THR A 155 -32.01 -0.76 -5.02
N MET A 156 -32.98 -1.46 -4.44
CA MET A 156 -33.98 -2.16 -5.24
C MET A 156 -35.35 -2.05 -4.60
N ALA A 157 -36.37 -2.25 -5.42
CA ALA A 157 -37.76 -2.30 -4.98
C ALA A 157 -38.38 -3.62 -5.44
N TRP A 158 -38.78 -4.45 -4.50
CA TRP A 158 -39.45 -5.71 -4.78
C TRP A 158 -40.85 -5.45 -5.30
N ALA A 159 -41.06 -5.61 -6.60
CA ALA A 159 -42.31 -5.26 -7.26
C ALA A 159 -43.28 -6.44 -7.19
N VAL A 160 -44.30 -6.30 -6.36
CA VAL A 160 -45.34 -7.32 -6.19
C VAL A 160 -46.65 -6.75 -6.72
N PRO A 161 -47.36 -7.47 -7.59
CA PRO A 161 -48.63 -6.95 -8.11
C PRO A 161 -49.59 -6.58 -6.98
N LYS A 162 -50.13 -5.36 -7.06
CA LYS A 162 -50.97 -4.84 -5.99
C LYS A 162 -52.41 -5.35 -6.09
N ASN A 163 -52.92 -5.49 -7.31
CA ASN A 163 -54.32 -5.81 -7.54
C ASN A 163 -54.46 -7.19 -8.16
N ASP A 164 -55.40 -7.98 -7.65
CA ASP A 164 -55.66 -9.30 -8.20
C ASP A 164 -56.10 -9.23 -9.65
N LYS A 165 -56.72 -8.11 -10.06
CA LYS A 165 -57.15 -7.97 -11.45
C LYS A 165 -55.96 -7.99 -12.40
N ASN A 166 -54.83 -7.42 -11.99
CA ASN A 166 -53.60 -7.44 -12.77
C ASN A 166 -52.61 -8.47 -12.26
N LYS A 167 -53.03 -9.36 -11.34
CA LYS A 167 -52.15 -10.42 -10.83
C LYS A 167 -52.23 -11.60 -11.78
N THR A 168 -51.46 -11.50 -12.87
CA THR A 168 -51.50 -12.47 -13.94
C THR A 168 -50.13 -12.57 -14.58
N ALA A 169 -49.96 -13.56 -15.44
CA ALA A 169 -48.75 -13.64 -16.25
C ALA A 169 -48.64 -12.42 -17.14
N THR A 170 -47.41 -12.09 -17.52
CA THR A 170 -47.18 -10.92 -18.34
C THR A 170 -46.15 -11.23 -19.42
N ASN A 171 -46.34 -10.61 -20.59
CA ASN A 171 -45.31 -10.57 -21.60
C ASN A 171 -44.11 -9.82 -21.03
N PRO A 172 -42.92 -10.01 -21.62
CA PRO A 172 -41.76 -9.21 -21.18
C PRO A 172 -42.05 -7.72 -21.30
N LEU A 173 -41.74 -7.00 -20.24
CA LEU A 173 -41.94 -5.55 -20.17
C LEU A 173 -40.60 -4.85 -20.15
N THR A 174 -40.52 -3.71 -20.83
CA THR A 174 -39.28 -2.95 -20.94
C THR A 174 -39.39 -1.66 -20.14
N ILE A 175 -38.37 -1.39 -19.35
CA ILE A 175 -38.26 -0.13 -18.63
C ILE A 175 -36.92 0.50 -18.95
N GLU A 176 -36.91 1.82 -19.17
CA GLU A 176 -35.68 2.58 -19.35
C GLU A 176 -35.18 3.03 -17.99
N VAL A 177 -33.89 2.79 -17.73
CA VAL A 177 -33.25 3.25 -16.51
C VAL A 177 -32.41 4.48 -16.85
N PRO A 178 -32.88 5.67 -16.51
CA PRO A 178 -32.15 6.89 -16.91
C PRO A 178 -30.88 7.08 -16.08
N TYR A 179 -30.04 7.99 -16.57
CA TYR A 179 -28.81 8.37 -15.89
C TYR A 179 -29.12 9.56 -14.99
N ILE A 180 -28.97 9.37 -13.68
CA ILE A 180 -29.30 10.40 -12.70
C ILE A 180 -28.08 10.88 -11.91
N CYS A 181 -26.89 10.44 -12.29
CA CYS A 181 -25.69 10.91 -11.61
C CYS A 181 -25.22 12.22 -12.23
N THR A 182 -24.17 12.80 -11.65
CA THR A 182 -23.62 14.05 -12.15
C THR A 182 -22.64 13.78 -13.27
N GLU A 183 -22.63 14.67 -14.27
CA GLU A 183 -21.79 14.48 -15.46
C GLU A 183 -20.34 14.22 -15.07
N GLY A 184 -19.77 13.19 -15.69
CA GLY A 184 -18.44 12.72 -15.36
C GLY A 184 -18.43 11.46 -14.50
N GLU A 185 -19.54 11.18 -13.81
CA GLU A 185 -19.63 10.01 -12.95
C GLU A 185 -20.14 8.80 -13.72
N ASP A 186 -19.68 7.62 -13.32
CA ASP A 186 -20.30 6.38 -13.75
C ASP A 186 -21.49 6.08 -12.85
N GLN A 187 -22.52 5.50 -13.43
CA GLN A 187 -23.69 5.04 -12.68
C GLN A 187 -23.71 3.52 -12.70
N ILE A 188 -23.76 2.92 -11.51
CA ILE A 188 -23.84 1.47 -11.38
C ILE A 188 -25.21 1.14 -10.82
N THR A 189 -26.03 0.48 -11.64
CA THR A 189 -27.42 0.23 -11.34
C THR A 189 -27.58 -1.21 -10.85
N VAL A 190 -28.17 -1.37 -9.67
CA VAL A 190 -28.38 -2.69 -9.06
C VAL A 190 -29.84 -3.09 -9.29
N TRP A 191 -30.04 -4.31 -9.78
CA TRP A 191 -31.38 -4.84 -10.02
C TRP A 191 -31.34 -6.35 -9.87
N GLY A 192 -32.50 -6.97 -9.95
CA GLY A 192 -32.56 -8.42 -9.84
C GLY A 192 -33.98 -8.92 -9.96
N PHE A 193 -34.18 -10.15 -9.51
CA PHE A 193 -35.51 -10.74 -9.53
C PHE A 193 -35.67 -11.76 -8.41
N HIS A 194 -36.87 -11.81 -7.85
CA HIS A 194 -37.25 -12.75 -6.80
C HIS A 194 -37.98 -13.93 -7.43
N SER A 195 -37.73 -15.12 -6.87
CA SER A 195 -38.46 -16.32 -7.28
C SER A 195 -38.78 -17.12 -6.02
N ASP A 196 -39.63 -18.12 -6.17
CA ASP A 196 -40.17 -18.84 -5.02
C ASP A 196 -40.65 -20.21 -5.47
N ASN A 197 -41.29 -20.95 -4.55
CA ASN A 197 -41.83 -22.24 -4.96
C ASN A 197 -43.14 -22.04 -5.71
N GLU A 198 -43.65 -23.14 -6.28
CA GLU A 198 -44.72 -23.05 -7.27
C GLU A 198 -45.97 -22.38 -6.71
N THR A 199 -46.41 -22.78 -5.52
CA THR A 199 -47.64 -22.22 -4.98
C THR A 199 -47.45 -20.79 -4.51
N GLN A 200 -46.27 -20.46 -3.99
CA GLN A 200 -46.02 -19.08 -3.58
C GLN A 200 -45.87 -18.16 -4.78
N MET A 201 -45.36 -18.68 -5.91
CA MET A 201 -45.32 -17.88 -7.13
C MET A 201 -46.73 -17.54 -7.61
N ALA A 202 -47.63 -18.51 -7.56
CA ALA A 202 -49.01 -18.26 -7.97
C ALA A 202 -49.68 -17.25 -7.05
N LYS A 203 -49.42 -17.35 -5.75
CA LYS A 203 -50.05 -16.43 -4.80
C LYS A 203 -49.50 -15.01 -4.96
N LEU A 204 -48.19 -14.87 -5.19
CA LEU A 204 -47.59 -13.55 -5.27
C LEU A 204 -47.83 -12.90 -6.63
N TYR A 205 -47.61 -13.65 -7.71
CA TYR A 205 -47.53 -13.07 -9.04
C TYR A 205 -48.59 -13.56 -10.03
N GLY A 206 -49.37 -14.58 -9.68
CA GLY A 206 -50.34 -15.11 -10.60
C GLY A 206 -49.76 -15.95 -11.71
N ASP A 207 -48.53 -16.44 -11.53
CA ASP A 207 -47.84 -17.21 -12.56
C ASP A 207 -46.73 -17.99 -11.88
N SER A 208 -46.63 -19.28 -12.18
CA SER A 208 -45.63 -20.13 -11.55
C SER A 208 -44.65 -20.74 -12.53
N LYS A 209 -44.63 -20.29 -13.78
CA LYS A 209 -43.61 -20.74 -14.71
C LYS A 209 -42.36 -19.87 -14.57
N PRO A 210 -41.21 -20.37 -15.02
CA PRO A 210 -39.98 -19.56 -14.96
C PRO A 210 -40.16 -18.23 -15.69
N GLN A 211 -39.55 -17.19 -15.12
CA GLN A 211 -39.61 -15.83 -15.65
C GLN A 211 -38.25 -15.46 -16.24
N LYS A 212 -38.27 -14.58 -17.23
CA LYS A 212 -37.07 -14.23 -17.99
C LYS A 212 -36.79 -12.74 -17.90
N PHE A 213 -35.50 -12.41 -17.93
CA PHE A 213 -35.03 -11.04 -17.69
C PHE A 213 -33.83 -10.75 -18.56
N THR A 214 -33.74 -9.51 -19.05
CA THR A 214 -32.56 -9.04 -19.77
C THR A 214 -32.21 -7.63 -19.32
N SER A 215 -30.92 -7.32 -19.33
CA SER A 215 -30.43 -5.97 -19.13
C SER A 215 -29.57 -5.58 -20.32
N SER A 216 -29.47 -4.27 -20.55
CA SER A 216 -28.70 -3.78 -21.69
C SER A 216 -28.26 -2.35 -21.39
N ALA A 217 -26.95 -2.12 -21.37
CA ALA A 217 -26.40 -0.80 -21.12
C ALA A 217 -25.04 -0.68 -21.82
N ASN A 218 -24.89 0.38 -22.61
CA ASN A 218 -23.64 0.64 -23.34
C ASN A 218 -23.24 -0.55 -24.21
N GLY A 219 -24.22 -1.22 -24.80
CA GLY A 219 -23.96 -2.34 -25.68
C GLY A 219 -23.70 -3.67 -24.98
N VAL A 220 -23.85 -3.72 -23.65
CA VAL A 220 -23.62 -4.94 -22.88
C VAL A 220 -24.97 -5.53 -22.51
N THR A 221 -25.26 -6.73 -23.02
CA THR A 221 -26.54 -7.40 -22.77
C THR A 221 -26.34 -8.63 -21.92
N THR A 222 -27.29 -8.88 -21.02
CA THR A 222 -27.31 -10.07 -20.18
C THR A 222 -28.71 -10.68 -20.23
N HIS A 223 -28.79 -11.98 -19.99
CA HIS A 223 -30.05 -12.71 -20.04
C HIS A 223 -30.12 -13.71 -18.89
N TYR A 224 -31.27 -13.78 -18.22
CA TYR A 224 -31.46 -14.67 -17.09
C TYR A 224 -32.82 -15.35 -17.18
N VAL A 225 -32.85 -16.62 -16.77
CA VAL A 225 -34.08 -17.38 -16.60
C VAL A 225 -34.16 -17.84 -15.16
N SER A 226 -35.32 -17.66 -14.53
CA SER A 226 -35.45 -17.93 -13.12
C SER A 226 -35.66 -19.42 -12.85
N GLN A 227 -35.58 -19.78 -11.57
CA GLN A 227 -35.78 -21.15 -11.12
C GLN A 227 -36.97 -21.19 -10.16
N ILE A 228 -37.82 -22.21 -10.32
CA ILE A 228 -39.02 -22.37 -9.50
C ILE A 228 -38.76 -23.51 -8.52
N GLY A 229 -38.60 -23.19 -7.25
CA GLY A 229 -38.42 -24.20 -6.22
C GLY A 229 -37.10 -24.94 -6.34
N GLY A 230 -36.91 -25.88 -5.42
CA GLY A 230 -35.68 -26.66 -5.40
C GLY A 230 -34.44 -25.83 -5.24
N PHE A 231 -34.51 -24.76 -4.44
CA PHE A 231 -33.42 -23.81 -4.31
C PHE A 231 -32.30 -24.37 -3.43
N PRO A 232 -31.07 -23.92 -3.65
CA PRO A 232 -30.00 -24.25 -2.71
C PRO A 232 -30.25 -23.63 -1.34
N ASN A 233 -29.54 -24.15 -0.34
CA ASN A 233 -29.73 -23.71 1.04
C ASN A 233 -29.45 -22.21 1.19
N GLN A 234 -30.16 -21.58 2.12
CA GLN A 234 -29.92 -20.17 2.40
C GLN A 234 -28.52 -20.00 2.99
N THR A 235 -27.85 -18.93 2.57
CA THR A 235 -26.49 -18.68 3.04
C THR A 235 -26.22 -17.18 3.03
N GLU A 236 -25.34 -16.75 3.96
CA GLU A 236 -24.90 -15.36 4.05
C GLU A 236 -26.07 -14.39 4.17
N ASP A 237 -27.16 -14.81 4.80
CA ASP A 237 -28.39 -14.03 4.84
C ASP A 237 -28.81 -13.74 6.28
N GLY A 238 -30.04 -13.26 6.43
CA GLY A 238 -30.56 -12.84 7.71
C GLY A 238 -30.85 -13.94 8.70
N GLY A 239 -30.64 -15.20 8.34
CA GLY A 239 -30.85 -16.31 9.24
C GLY A 239 -32.29 -16.70 9.47
N LEU A 240 -33.22 -16.15 8.71
CA LEU A 240 -34.64 -16.44 8.86
C LEU A 240 -35.11 -17.27 7.68
N PRO A 241 -35.86 -18.36 7.92
CA PRO A 241 -36.27 -19.23 6.80
C PRO A 241 -37.13 -18.50 5.80
N GLN A 242 -36.84 -18.73 4.52
CA GLN A 242 -37.62 -18.22 3.41
C GLN A 242 -37.74 -19.29 2.35
N SER A 243 -38.91 -19.38 1.72
CA SER A 243 -39.10 -20.33 0.63
C SER A 243 -38.51 -19.83 -0.69
N GLY A 244 -38.34 -18.52 -0.85
CA GLY A 244 -37.87 -17.95 -2.08
C GLY A 244 -36.41 -17.52 -2.03
N ARG A 245 -35.90 -17.13 -3.20
CA ARG A 245 -34.54 -16.63 -3.35
C ARG A 245 -34.55 -15.48 -4.36
N ILE A 246 -33.58 -14.59 -4.24
CA ILE A 246 -33.42 -13.52 -5.21
C ILE A 246 -32.10 -13.71 -5.94
N VAL A 247 -32.10 -13.26 -7.19
CA VAL A 247 -30.89 -13.14 -8.01
C VAL A 247 -30.64 -11.65 -8.21
N VAL A 248 -29.39 -11.22 -8.02
CA VAL A 248 -29.05 -9.81 -8.07
C VAL A 248 -27.90 -9.60 -9.04
N ASP A 249 -28.00 -8.53 -9.83
CA ASP A 249 -26.99 -8.20 -10.82
C ASP A 249 -26.76 -6.69 -10.78
N TYR A 250 -25.70 -6.24 -11.45
CA TYR A 250 -25.48 -4.82 -11.66
C TYR A 250 -25.18 -4.56 -13.13
N MET A 251 -25.48 -3.35 -13.57
CA MET A 251 -25.07 -2.90 -14.90
C MET A 251 -24.48 -1.50 -14.81
N VAL A 252 -23.36 -1.30 -15.49
CA VAL A 252 -22.64 -0.04 -15.48
C VAL A 252 -23.17 0.82 -16.61
N GLN A 253 -23.64 2.02 -16.27
CA GLN A 253 -24.11 3.00 -17.24
C GLN A 253 -23.04 4.09 -17.34
N LYS A 254 -22.41 4.18 -18.51
CA LYS A 254 -21.27 5.05 -18.73
C LYS A 254 -21.66 6.27 -19.55
N SER A 255 -21.04 7.40 -19.22
CA SER A 255 -21.10 8.63 -20.01
C SER A 255 -22.53 9.08 -20.24
N GLY A 256 -23.31 9.12 -19.15
CA GLY A 256 -24.65 9.65 -19.18
C GLY A 256 -25.64 8.88 -20.03
N LYS A 257 -25.44 7.58 -20.20
CA LYS A 257 -26.29 6.79 -21.08
C LYS A 257 -27.42 6.11 -20.30
N THR A 258 -28.54 5.93 -20.98
CA THR A 258 -29.69 5.22 -20.43
C THR A 258 -29.56 3.72 -20.70
N GLY A 259 -29.81 2.92 -19.67
CA GLY A 259 -29.90 1.48 -19.80
C GLY A 259 -31.34 1.00 -19.83
N THR A 260 -31.51 -0.27 -20.17
CA THR A 260 -32.84 -0.88 -20.22
C THR A 260 -32.84 -2.23 -19.52
N ILE A 261 -33.98 -2.56 -18.94
CA ILE A 261 -34.25 -3.86 -18.35
C ILE A 261 -35.57 -4.38 -18.92
N THR A 262 -35.57 -5.61 -19.41
CA THR A 262 -36.80 -6.29 -19.76
C THR A 262 -37.05 -7.38 -18.73
N TYR A 263 -38.29 -7.47 -18.26
CA TYR A 263 -38.60 -8.27 -17.09
C TYR A 263 -40.01 -8.84 -17.18
N GLN A 264 -40.25 -9.85 -16.34
CA GLN A 264 -41.59 -10.38 -16.12
C GLN A 264 -41.92 -10.30 -14.64
N ARG A 265 -42.48 -11.36 -14.06
CA ARG A 265 -42.91 -11.31 -12.67
C ARG A 265 -41.74 -11.54 -11.72
N GLY A 266 -41.77 -10.84 -10.58
CA GLY A 266 -40.73 -10.95 -9.58
C GLY A 266 -39.61 -9.95 -9.69
N ILE A 267 -39.75 -8.93 -10.54
CA ILE A 267 -38.66 -8.01 -10.80
C ILE A 267 -38.30 -7.22 -9.55
N LEU A 268 -37.00 -7.07 -9.30
CA LEU A 268 -36.48 -6.16 -8.29
C LEU A 268 -36.00 -4.91 -9.03
N LEU A 269 -36.87 -3.91 -9.11
CA LEU A 269 -36.55 -2.72 -9.89
C LEU A 269 -35.50 -1.87 -9.18
N PRO A 270 -34.60 -1.23 -9.93
CA PRO A 270 -33.60 -0.37 -9.29
C PRO A 270 -34.23 0.85 -8.66
N GLN A 271 -33.65 1.26 -7.52
CA GLN A 271 -34.10 2.46 -6.83
C GLN A 271 -32.93 3.40 -6.59
N LYS A 272 -32.25 3.26 -5.46
CA LYS A 272 -31.02 3.99 -5.22
C LYS A 272 -29.89 3.39 -6.05
N VAL A 273 -29.03 4.26 -6.55
CA VAL A 273 -28.07 3.91 -7.59
C VAL A 273 -26.71 4.47 -7.21
N TRP A 274 -25.65 3.76 -7.58
CA TRP A 274 -24.31 4.19 -7.24
C TRP A 274 -23.80 5.22 -8.24
N CYS A 275 -23.21 6.29 -7.73
CA CYS A 275 -22.57 7.31 -8.55
C CYS A 275 -21.11 7.39 -8.14
N ALA A 276 -20.20 7.16 -9.09
CA ALA A 276 -18.78 7.02 -8.78
C ALA A 276 -17.96 7.76 -9.83
N SER A 277 -16.84 8.33 -9.37
CA SER A 277 -15.93 9.05 -10.25
C SER A 277 -14.52 8.95 -9.69
N GLY A 278 -13.56 9.36 -10.51
CA GLY A 278 -12.17 9.29 -10.12
C GLY A 278 -11.65 7.86 -10.17
N ARG A 279 -10.41 7.71 -9.74
CA ARG A 279 -9.77 6.40 -9.71
C ARG A 279 -9.00 6.24 -8.41
N SER A 280 -9.20 5.13 -7.73
CA SER A 280 -8.42 4.76 -6.56
C SER A 280 -7.39 3.72 -6.96
N LYS A 281 -6.20 3.80 -6.36
CA LYS A 281 -5.14 2.85 -6.62
C LYS A 281 -5.34 1.64 -5.70
N VAL A 282 -5.51 0.47 -6.31
CA VAL A 282 -5.93 -0.74 -5.60
C VAL A 282 -4.83 -1.79 -5.69
N ILE A 283 -4.56 -2.44 -4.55
CA ILE A 283 -3.75 -3.66 -4.51
C ILE A 283 -4.45 -4.64 -3.59
N LYS A 284 -4.05 -5.91 -3.70
CA LYS A 284 -4.58 -6.94 -2.82
C LYS A 284 -3.91 -6.86 -1.46
N GLY A 285 -4.70 -7.05 -0.42
CA GLY A 285 -4.19 -7.08 0.93
C GLY A 285 -5.20 -7.69 1.87
N SER A 286 -4.91 -7.58 3.16
CA SER A 286 -5.76 -8.16 4.19
C SER A 286 -5.98 -7.16 5.31
N LEU A 287 -7.13 -7.24 5.93
CA LEU A 287 -7.52 -6.51 7.11
C LEU A 287 -7.23 -7.36 8.35
N PRO A 288 -6.99 -6.74 9.52
CA PRO A 288 -7.00 -5.29 9.76
C PRO A 288 -5.70 -4.60 9.36
N LEU A 289 -5.76 -3.30 9.13
CA LEU A 289 -4.55 -2.50 8.93
C LEU A 289 -3.97 -2.15 10.29
N ILE A 290 -2.71 -2.51 10.51
CA ILE A 290 -2.05 -2.33 11.79
C ILE A 290 -0.98 -1.26 11.63
N GLY A 291 -1.20 -0.11 12.28
CA GLY A 291 -0.22 0.95 12.20
C GLY A 291 -0.14 1.55 10.82
N GLU A 292 1.05 2.04 10.47
CA GLU A 292 1.30 2.70 9.20
C GLU A 292 2.60 2.19 8.61
N ALA A 293 2.83 2.54 7.34
CA ALA A 293 4.03 2.10 6.63
C ALA A 293 4.29 3.04 5.46
N ASP A 294 5.57 3.14 5.07
CA ASP A 294 5.92 3.87 3.85
C ASP A 294 5.27 3.27 2.62
N CYS A 295 5.07 1.95 2.61
CA CYS A 295 4.79 1.20 1.40
C CYS A 295 3.91 0.01 1.73
N LEU A 296 2.99 -0.29 0.82
CA LEU A 296 2.16 -1.49 0.91
C LEU A 296 2.48 -2.39 -0.27
N HIS A 297 2.96 -3.59 0.03
CA HIS A 297 3.48 -4.54 -0.96
C HIS A 297 2.60 -5.77 -0.93
N GLU A 298 2.15 -6.23 -2.11
CA GLU A 298 1.17 -7.30 -2.17
C GLU A 298 1.68 -8.59 -1.52
N LYS A 299 2.99 -8.83 -1.56
CA LYS A 299 3.55 -10.04 -0.97
C LYS A 299 4.14 -9.83 0.42
N TYR A 300 4.69 -8.64 0.70
CA TYR A 300 5.33 -8.39 1.99
C TYR A 300 4.46 -7.61 2.95
N GLY A 301 3.31 -7.11 2.52
CA GLY A 301 2.49 -6.29 3.40
C GLY A 301 3.07 -4.88 3.55
N GLY A 302 2.85 -4.30 4.72
CA GLY A 302 3.42 -2.99 5.00
C GLY A 302 4.91 -3.08 5.24
N LEU A 303 5.66 -2.16 4.63
CA LEU A 303 7.09 -2.11 4.84
C LEU A 303 7.57 -0.67 4.75
N ASN A 304 8.74 -0.41 5.32
CA ASN A 304 9.34 0.90 5.37
C ASN A 304 10.62 0.92 4.54
N LYS A 305 10.80 1.99 3.78
CA LYS A 305 11.90 2.06 2.81
C LYS A 305 13.20 2.35 3.55
N SER A 306 13.92 1.28 3.88
N SER A 306 13.92 1.28 3.88
CA SER A 306 15.21 1.43 4.55
CA SER A 306 15.22 1.43 4.54
C SER A 306 16.33 1.73 3.55
C SER A 306 16.33 1.72 3.55
N LYS A 307 16.25 1.13 2.37
CA LYS A 307 17.22 1.31 1.30
C LYS A 307 16.46 1.51 0.00
N PRO A 308 17.09 2.15 -1.00
CA PRO A 308 16.34 2.52 -2.21
C PRO A 308 15.86 1.34 -3.03
N TYR A 309 16.52 0.19 -2.96
CA TYR A 309 16.17 -0.95 -3.79
C TYR A 309 16.00 -2.18 -2.92
N TYR A 310 15.31 -3.18 -3.46
CA TYR A 310 15.11 -4.44 -2.75
C TYR A 310 15.19 -5.61 -3.73
N THR A 311 15.68 -6.73 -3.22
CA THR A 311 15.65 -8.02 -3.92
C THR A 311 14.60 -8.91 -3.28
N GLY A 312 14.08 -9.84 -4.07
CA GLY A 312 13.07 -10.75 -3.58
C GLY A 312 11.90 -10.88 -4.54
N GLU A 313 10.69 -11.06 -4.00
CA GLU A 313 9.50 -11.23 -4.81
C GLU A 313 9.00 -9.86 -5.27
N HIS A 314 9.12 -9.57 -6.55
CA HIS A 314 8.45 -8.40 -7.10
C HIS A 314 6.95 -8.57 -7.03
N ALA A 315 6.25 -7.47 -6.79
CA ALA A 315 4.79 -7.48 -6.74
C ALA A 315 4.27 -6.07 -6.91
N LYS A 316 2.97 -5.97 -7.17
CA LYS A 316 2.30 -4.69 -7.15
C LYS A 316 2.46 -4.04 -5.78
N ALA A 317 2.67 -2.73 -5.78
CA ALA A 317 2.89 -2.00 -4.53
C ALA A 317 2.48 -0.56 -4.73
N ILE A 318 2.26 0.13 -3.61
CA ILE A 318 1.85 1.54 -3.63
C ILE A 318 2.56 2.28 -2.52
N GLY A 319 2.89 3.54 -2.78
CA GLY A 319 3.47 4.39 -1.76
C GLY A 319 4.91 4.77 -2.00
N ASN A 320 5.63 4.99 -0.91
CA ASN A 320 7.05 5.36 -0.94
C ASN A 320 7.84 4.07 -0.76
N CYS A 321 8.09 3.38 -1.88
CA CYS A 321 8.55 2.01 -1.87
C CYS A 321 9.98 1.87 -2.37
N PRO A 322 10.72 0.88 -1.88
CA PRO A 322 11.96 0.50 -2.55
C PRO A 322 11.65 -0.13 -3.90
N ILE A 323 12.60 -0.01 -4.82
CA ILE A 323 12.42 -0.46 -6.20
C ILE A 323 13.00 -1.86 -6.34
N TRP A 324 12.25 -2.76 -6.98
CA TRP A 324 12.71 -4.12 -7.17
C TRP A 324 13.87 -4.17 -8.16
N VAL A 325 14.93 -4.89 -7.79
CA VAL A 325 16.06 -5.12 -8.67
C VAL A 325 16.38 -6.61 -8.66
N LYS A 326 17.12 -7.03 -9.67
CA LYS A 326 17.37 -8.46 -9.90
C LYS A 326 18.48 -9.00 -9.00
N THR A 327 19.50 -8.19 -8.73
CA THR A 327 20.68 -8.62 -8.01
C THR A 327 20.99 -7.65 -6.88
N PRO A 328 21.68 -8.10 -5.82
CA PRO A 328 22.06 -7.18 -4.73
C PRO A 328 23.14 -6.20 -5.16
N LEU A 329 22.72 -5.03 -5.63
CA LEU A 329 23.65 -4.05 -6.18
C LEU A 329 24.52 -3.43 -5.08
N LYS A 330 25.75 -3.09 -5.45
CA LYS A 330 26.72 -2.53 -4.53
C LYS A 330 27.34 -1.28 -5.14
N LEU A 331 27.39 -0.20 -4.37
CA LEU A 331 28.07 1.01 -4.78
C LEU A 331 29.53 0.95 -4.33
N ALA A 332 30.43 1.33 -5.24
CA ALA A 332 31.85 1.35 -4.90
C ALA A 332 32.15 2.45 -3.89
N ASN A 333 32.94 2.11 -2.87
CA ASN A 333 33.39 3.05 -1.85
C ASN A 333 34.85 2.72 -1.51
N GLY A 334 35.75 3.03 -2.43
CA GLY A 334 37.16 2.77 -2.23
C GLY A 334 37.93 3.00 -3.52
N THR A 335 39.17 2.54 -3.52
CA THR A 335 40.03 2.60 -4.69
C THR A 335 40.18 1.21 -5.29
N LYS A 336 40.83 1.15 -6.46
CA LYS A 336 41.13 -0.13 -7.07
C LYS A 336 42.02 -0.96 -6.16
N TYR A 337 41.67 -2.23 -5.99
CA TYR A 337 42.42 -3.11 -5.12
C TYR A 337 43.69 -3.62 -5.81
N ARG A 338 44.80 -3.62 -5.07
CA ARG A 338 46.06 -4.16 -5.54
C ARG A 338 46.65 -5.03 -4.44
N PRO A 339 47.09 -6.24 -4.75
CA PRO A 339 47.64 -7.13 -3.71
C PRO A 339 48.87 -6.53 -3.08
N PRO A 340 48.90 -6.43 -1.73
CA PRO A 340 50.03 -5.89 -0.99
C PRO A 340 51.06 -6.96 -0.63
N TRP B 21 42.97 10.28 4.29
CA TRP B 21 43.02 9.14 3.40
C TRP B 21 43.95 9.44 2.22
N HIS B 22 43.96 10.68 1.77
CA HIS B 22 44.86 11.15 0.73
C HIS B 22 45.97 11.98 1.36
N GLY B 23 47.20 11.77 0.92
CA GLY B 23 48.32 12.49 1.50
C GLY B 23 49.63 12.22 0.81
N TYR B 24 50.70 12.59 1.51
CA TYR B 24 52.06 12.52 1.00
C TYR B 24 52.95 11.79 2.00
N THR B 25 54.15 11.44 1.56
CA THR B 25 55.11 10.76 2.42
C THR B 25 56.46 11.49 2.44
N VAL B 34 54.88 11.49 7.11
CA VAL B 34 53.56 11.26 6.54
C VAL B 34 52.66 12.45 6.89
N ALA B 35 51.85 12.87 5.92
CA ALA B 35 50.91 13.97 6.12
C ALA B 35 49.75 13.77 5.16
N ALA B 36 48.55 14.10 5.62
CA ALA B 36 47.33 13.85 4.86
C ALA B 36 46.85 15.14 4.20
N ASP B 37 46.46 15.04 2.93
CA ASP B 37 45.84 16.16 2.20
C ASP B 37 44.36 16.16 2.56
N LEU B 38 43.96 17.11 3.40
CA LEU B 38 42.61 17.11 3.95
C LEU B 38 41.56 17.29 2.86
N LYS B 39 41.76 18.29 1.99
CA LYS B 39 40.74 18.60 0.99
C LYS B 39 40.65 17.51 -0.07
N SER B 40 41.78 16.95 -0.49
CA SER B 40 41.74 15.84 -1.44
C SER B 40 41.06 14.62 -0.83
N THR B 41 41.33 14.35 0.45
CA THR B 41 40.62 13.29 1.15
C THR B 41 39.12 13.59 1.22
N GLN B 42 38.78 14.84 1.56
CA GLN B 42 37.37 15.19 1.76
C GLN B 42 36.59 15.15 0.46
N GLU B 43 37.16 15.66 -0.63
CA GLU B 43 36.42 15.74 -1.88
C GLU B 43 36.17 14.36 -2.48
N ALA B 44 37.08 13.40 -2.25
CA ALA B 44 36.81 12.04 -2.67
C ALA B 44 35.62 11.47 -1.91
N ILE B 45 35.54 11.76 -0.61
CA ILE B 45 34.38 11.33 0.19
C ILE B 45 33.10 11.90 -0.39
N ASN B 46 33.08 13.22 -0.61
CA ASN B 46 31.87 13.87 -1.10
C ASN B 46 31.42 13.32 -2.45
N LYS B 47 32.37 12.94 -3.31
CA LYS B 47 32.01 12.36 -4.60
C LYS B 47 31.19 11.08 -4.43
N ILE B 48 31.62 10.21 -3.52
CA ILE B 48 30.86 9.00 -3.22
C ILE B 48 29.54 9.33 -2.55
N THR B 49 29.51 10.38 -1.72
CA THR B 49 28.27 10.79 -1.08
C THR B 49 27.26 11.30 -2.10
N LYS B 50 27.71 12.11 -3.06
CA LYS B 50 26.80 12.60 -4.10
C LYS B 50 26.21 11.45 -4.90
N ASN B 51 27.02 10.46 -5.25
CA ASN B 51 26.52 9.30 -5.97
C ASN B 51 25.48 8.53 -5.15
N LEU B 52 25.75 8.35 -3.86
CA LEU B 52 24.81 7.64 -3.00
C LEU B 52 23.49 8.41 -2.90
N ASN B 53 23.55 9.72 -2.70
CA ASN B 53 22.34 10.53 -2.62
C ASN B 53 21.57 10.49 -3.94
N SER B 54 22.29 10.59 -5.06
CA SER B 54 21.65 10.55 -6.36
C SER B 54 20.90 9.23 -6.57
N LEU B 55 21.54 8.11 -6.21
CA LEU B 55 20.89 6.82 -6.33
C LEU B 55 19.76 6.63 -5.33
N SER B 56 19.79 7.36 -4.21
CA SER B 56 18.78 7.18 -3.17
C SER B 56 17.51 7.97 -3.45
N GLU B 57 17.55 8.94 -4.35
CA GLU B 57 16.44 9.85 -4.58
C GLU B 57 15.82 9.70 -5.96
N LEU B 58 16.09 8.59 -6.64
CA LEU B 58 15.40 8.30 -7.89
C LEU B 58 13.91 8.09 -7.64
N GLU B 59 13.10 8.61 -8.54
CA GLU B 59 11.64 8.46 -8.45
C GLU B 59 11.18 7.53 -9.57
N VAL B 60 10.61 6.40 -9.17
CA VAL B 60 10.06 5.42 -10.10
C VAL B 60 8.62 5.13 -9.68
N LYS B 61 7.70 5.20 -10.65
CA LYS B 61 6.30 4.96 -10.34
C LYS B 61 6.08 3.48 -10.02
N ASN B 62 5.13 3.23 -9.13
CA ASN B 62 4.81 1.86 -8.73
C ASN B 62 3.73 1.27 -9.62
N LEU B 63 3.47 -0.02 -9.42
CA LEU B 63 2.46 -0.75 -10.18
C LEU B 63 1.36 -1.21 -9.24
N GLN B 64 0.11 -0.93 -9.62
CA GLN B 64 -1.05 -1.39 -8.87
C GLN B 64 -1.99 -2.12 -9.82
N ARG B 65 -3.13 -2.55 -9.28
CA ARG B 65 -4.10 -3.26 -10.10
C ARG B 65 -4.81 -2.29 -11.05
N LEU B 66 -5.37 -2.86 -12.11
CA LEU B 66 -6.37 -2.13 -12.89
C LEU B 66 -7.61 -1.95 -12.03
N SER B 67 -8.17 -0.74 -12.03
CA SER B 67 -9.36 -0.51 -11.23
C SER B 67 -10.60 -1.13 -11.84
N GLY B 68 -10.63 -1.29 -13.16
CA GLY B 68 -11.82 -1.77 -13.85
C GLY B 68 -11.87 -3.27 -14.02
N ALA B 69 -10.72 -3.93 -14.15
CA ALA B 69 -10.69 -5.36 -14.43
C ALA B 69 -11.01 -6.16 -13.16
N MET B 70 -12.06 -6.97 -13.22
CA MET B 70 -12.49 -7.79 -12.11
C MET B 70 -11.96 -9.22 -12.26
N ASP B 71 -11.57 -9.81 -11.14
CA ASP B 71 -11.28 -11.23 -11.12
C ASP B 71 -12.49 -12.02 -11.62
N GLU B 72 -12.21 -13.18 -12.23
CA GLU B 72 -13.21 -14.08 -12.79
C GLU B 72 -13.86 -13.52 -14.05
N LEU B 73 -14.23 -12.23 -14.04
CA LEU B 73 -14.85 -11.65 -15.22
C LEU B 73 -13.82 -11.33 -16.31
N HIS B 74 -12.62 -10.90 -15.92
CA HIS B 74 -11.65 -10.35 -16.86
C HIS B 74 -10.29 -11.00 -16.68
N ASN B 75 -10.28 -12.33 -16.55
CA ASN B 75 -9.02 -13.04 -16.32
C ASN B 75 -8.05 -12.90 -17.49
N GLU B 76 -8.56 -12.83 -18.72
CA GLU B 76 -7.68 -12.68 -19.86
C GLU B 76 -6.96 -11.33 -19.83
N ILE B 77 -7.67 -10.27 -19.47
CA ILE B 77 -7.03 -8.96 -19.31
C ILE B 77 -6.03 -9.00 -18.16
N LEU B 78 -6.40 -9.66 -17.06
CA LEU B 78 -5.52 -9.70 -15.90
C LEU B 78 -4.23 -10.44 -16.19
N GLU B 79 -4.28 -11.46 -17.06
CA GLU B 79 -3.04 -12.14 -17.44
C GLU B 79 -2.11 -11.21 -18.21
N LEU B 80 -2.67 -10.39 -19.10
CA LEU B 80 -1.85 -9.43 -19.84
C LEU B 80 -1.31 -8.34 -18.91
N ASP B 81 -2.11 -7.92 -17.92
CA ASP B 81 -1.62 -6.95 -16.95
C ASP B 81 -0.46 -7.50 -16.16
N GLU B 82 -0.53 -8.78 -15.75
CA GLU B 82 0.59 -9.41 -15.07
C GLU B 82 1.82 -9.45 -15.96
N LYS B 83 1.63 -9.70 -17.26
CA LYS B 83 2.76 -9.69 -18.19
C LYS B 83 3.36 -8.30 -18.30
N VAL B 84 2.51 -7.26 -18.32
CA VAL B 84 3.02 -5.89 -18.39
C VAL B 84 3.82 -5.55 -17.14
N ASP B 85 3.34 -5.97 -15.97
CA ASP B 85 4.10 -5.73 -14.74
C ASP B 85 5.44 -6.46 -14.78
N ASP B 86 5.45 -7.71 -15.24
CA ASP B 86 6.67 -8.50 -15.23
C ASP B 86 7.72 -7.89 -16.16
N LEU B 87 7.30 -7.41 -17.33
CA LEU B 87 8.25 -6.80 -18.26
C LEU B 87 8.72 -5.44 -17.75
N ARG B 88 7.83 -4.69 -17.09
CA ARG B 88 8.21 -3.39 -16.54
C ARG B 88 9.24 -3.54 -15.43
N ALA B 89 9.02 -4.48 -14.51
CA ALA B 89 9.97 -4.69 -13.42
C ALA B 89 11.36 -5.05 -13.95
N ASP B 90 11.40 -5.87 -15.02
CA ASP B 90 12.68 -6.25 -15.60
C ASP B 90 13.37 -5.04 -16.24
N THR B 91 12.61 -4.19 -16.93
CA THR B 91 13.18 -3.01 -17.55
C THR B 91 13.75 -2.05 -16.51
N ILE B 92 12.99 -1.78 -15.45
CA ILE B 92 13.44 -0.85 -14.42
C ILE B 92 14.64 -1.42 -13.68
N SER B 93 14.68 -2.74 -13.49
CA SER B 93 15.82 -3.38 -12.84
C SER B 93 17.10 -3.17 -13.66
N SER B 94 17.02 -3.37 -14.97
CA SER B 94 18.19 -3.15 -15.81
C SER B 94 18.59 -1.68 -15.82
N GLN B 95 17.61 -0.78 -15.77
CA GLN B 95 17.90 0.65 -15.80
C GLN B 95 18.61 1.11 -14.54
N ILE B 96 18.20 0.59 -13.38
CA ILE B 96 18.84 0.97 -12.12
C ILE B 96 20.21 0.32 -12.00
N GLU B 97 20.35 -0.92 -12.47
CA GLU B 97 21.66 -1.55 -12.46
C GLU B 97 22.67 -0.75 -13.27
N LEU B 98 22.26 -0.26 -14.44
CA LEU B 98 23.15 0.56 -15.26
C LEU B 98 23.50 1.87 -14.55
N ALA B 99 22.53 2.44 -13.83
CA ALA B 99 22.81 3.66 -13.06
C ALA B 99 23.89 3.40 -12.01
N VAL B 100 23.82 2.26 -11.33
CA VAL B 100 24.86 1.90 -10.37
C VAL B 100 26.18 1.64 -11.09
N LEU B 101 26.13 0.94 -12.23
CA LEU B 101 27.35 0.69 -13.00
C LEU B 101 27.99 1.99 -13.46
N LEU B 102 27.17 2.99 -13.82
CA LEU B 102 27.71 4.27 -14.25
C LEU B 102 28.27 5.05 -13.06
N SER B 103 27.64 4.94 -11.89
CA SER B 103 28.19 5.56 -10.69
C SER B 103 29.54 4.95 -10.34
N ASN B 104 29.63 3.62 -10.33
CA ASN B 104 30.90 2.97 -10.02
C ASN B 104 31.97 3.32 -11.04
N GLU B 105 31.58 3.52 -12.30
CA GLU B 105 32.55 3.93 -13.32
C GLU B 105 33.18 5.28 -12.96
N GLY B 106 32.34 6.25 -12.59
CA GLY B 106 32.87 7.56 -12.24
C GLY B 106 33.66 7.57 -10.94
N ILE B 107 33.27 6.72 -9.99
CA ILE B 107 34.01 6.62 -8.73
C ILE B 107 35.38 6.01 -8.96
N ILE B 108 35.42 4.89 -9.68
CA ILE B 108 36.69 4.23 -9.96
C ILE B 108 37.59 5.11 -10.82
N ASN B 109 37.01 5.81 -11.79
CA ASN B 109 37.78 6.73 -12.63
C ASN B 109 38.33 7.90 -11.82
N SER B 110 37.65 8.29 -10.74
CA SER B 110 38.08 9.45 -9.98
C SER B 110 39.34 9.19 -9.17
N GLU B 111 39.69 7.92 -8.95
CA GLU B 111 40.96 7.62 -8.27
C GLU B 111 42.13 8.13 -9.10
N ASP B 112 42.12 7.85 -10.40
CA ASP B 112 43.19 8.36 -11.27
C ASP B 112 43.18 9.88 -11.33
N GLU B 113 42.00 10.49 -11.29
CA GLU B 113 41.92 11.95 -11.31
C GLU B 113 42.47 12.55 -10.02
N HIS B 114 42.20 11.92 -8.87
CA HIS B 114 42.74 12.41 -7.61
C HIS B 114 44.26 12.26 -7.57
N LEU B 115 44.78 11.11 -8.01
CA LEU B 115 46.22 10.89 -7.99
C LEU B 115 46.94 11.86 -8.93
N LEU B 116 46.39 12.07 -10.12
CA LEU B 116 46.97 13.05 -11.04
C LEU B 116 46.95 14.44 -10.44
N ALA B 117 45.88 14.77 -9.71
CA ALA B 117 45.82 16.09 -9.08
C ALA B 117 46.79 16.20 -7.92
N LEU B 118 47.12 15.08 -7.27
CA LEU B 118 48.11 15.09 -6.20
C LEU B 118 49.53 15.18 -6.73
N GLU B 119 49.78 14.64 -7.93
CA GLU B 119 51.11 14.75 -8.53
C GLU B 119 51.34 16.15 -9.09
N ARG B 120 50.30 16.79 -9.62
CA ARG B 120 50.45 18.15 -10.13
C ARG B 120 50.80 19.13 -9.00
N LYS B 121 50.34 18.84 -7.77
CA LYS B 121 50.69 19.70 -6.64
C LYS B 121 52.10 19.45 -6.14
N LEU B 122 52.58 18.20 -6.21
CA LEU B 122 53.95 17.91 -5.84
C LEU B 122 54.96 18.30 -6.91
N LYS B 123 54.50 18.69 -8.10
CA LYS B 123 55.37 19.19 -9.14
C LYS B 123 55.37 20.72 -9.23
N LYS B 124 54.29 21.36 -8.77
CA LYS B 124 54.24 22.82 -8.74
C LYS B 124 54.98 23.38 -7.53
N MET B 125 54.82 22.75 -6.37
CA MET B 125 55.50 23.24 -5.17
C MET B 125 56.97 22.86 -5.19
N LEU B 126 57.29 21.61 -5.52
CA LEU B 126 58.67 21.20 -5.72
C LEU B 126 59.13 21.72 -7.07
N GLY B 127 60.04 22.68 -7.07
CA GLY B 127 60.51 23.31 -8.27
C GLY B 127 61.23 22.36 -9.19
N PRO B 128 61.72 22.86 -10.32
CA PRO B 128 62.44 22.00 -11.27
C PRO B 128 63.73 21.41 -10.72
N SER B 129 64.17 21.82 -9.52
CA SER B 129 65.35 21.21 -8.91
C SER B 129 65.12 19.76 -8.53
N ALA B 130 63.87 19.36 -8.31
CA ALA B 130 63.53 17.97 -8.06
C ALA B 130 63.21 17.27 -9.38
N VAL B 131 63.25 15.93 -9.33
CA VAL B 131 62.98 15.11 -10.50
C VAL B 131 61.97 14.04 -10.11
N GLU B 132 60.96 13.84 -10.96
CA GLU B 132 59.89 12.90 -10.67
C GLU B 132 60.28 11.49 -11.10
N ILE B 133 60.02 10.52 -10.22
CA ILE B 133 60.42 9.15 -10.45
C ILE B 133 59.45 8.48 -11.42
N GLU C 1 29.68 23.41 14.88
CA GLU C 1 28.79 23.93 15.93
C GLU C 1 27.52 23.09 16.01
N VAL C 2 27.22 22.35 14.93
CA VAL C 2 26.12 21.41 14.97
C VAL C 2 26.40 20.36 16.04
N GLN C 3 25.35 19.93 16.74
CA GLN C 3 25.56 19.00 17.84
C GLN C 3 24.26 18.31 18.20
N LEU C 4 24.36 17.02 18.50
CA LEU C 4 23.29 16.24 19.10
C LEU C 4 23.61 16.04 20.58
N VAL C 5 22.57 16.10 21.42
CA VAL C 5 22.73 15.93 22.87
C VAL C 5 21.69 14.94 23.34
N GLU C 6 22.13 13.76 23.76
CA GLU C 6 21.23 12.79 24.37
C GLU C 6 21.01 13.12 25.83
N SER C 7 19.83 12.77 26.34
CA SER C 7 19.52 12.91 27.75
C SER C 7 18.43 11.91 28.11
N GLY C 8 18.23 11.74 29.41
CA GLY C 8 17.21 10.85 29.91
C GLY C 8 17.72 9.55 30.49
N GLY C 9 19.00 9.25 30.33
CA GLY C 9 19.56 8.04 30.88
C GLY C 9 19.57 8.08 32.40
N GLY C 10 19.86 6.93 32.98
CA GLY C 10 19.94 6.81 34.42
C GLY C 10 19.68 5.38 34.86
N LEU C 11 19.52 5.23 36.18
CA LEU C 11 19.32 3.94 36.81
C LEU C 11 17.84 3.57 36.78
N VAL C 12 17.55 2.33 36.40
CA VAL C 12 16.17 1.84 36.29
C VAL C 12 16.16 0.36 36.63
N GLN C 13 15.04 -0.10 37.20
CA GLN C 13 14.90 -1.49 37.61
C GLN C 13 14.50 -2.38 36.42
N PRO C 14 14.82 -3.68 36.49
CA PRO C 14 14.37 -4.59 35.44
C PRO C 14 12.85 -4.53 35.27
N GLY C 15 12.41 -4.61 34.01
CA GLY C 15 11.01 -4.41 33.69
C GLY C 15 10.58 -2.96 33.64
N GLY C 16 11.44 -2.02 34.03
CA GLY C 16 11.12 -0.62 33.99
C GLY C 16 11.18 -0.05 32.58
N SER C 17 10.83 1.22 32.48
N SER C 17 10.82 1.23 32.48
CA SER C 17 10.81 1.92 31.20
CA SER C 17 10.80 1.94 31.21
C SER C 17 11.56 3.24 31.32
C SER C 17 11.58 3.25 31.33
N LEU C 18 12.13 3.69 30.20
CA LEU C 18 12.93 4.91 30.17
C LEU C 18 12.79 5.54 28.79
N ARG C 19 12.72 6.87 28.77
CA ARG C 19 12.53 7.64 27.54
C ARG C 19 13.76 8.52 27.34
N LEU C 20 14.55 8.22 26.32
CA LEU C 20 15.71 9.02 25.94
C LEU C 20 15.33 10.02 24.87
N SER C 21 15.96 11.19 24.92
CA SER C 21 15.72 12.26 23.96
C SER C 21 17.03 12.63 23.28
N CYS C 22 16.92 12.98 22.00
CA CYS C 22 18.06 13.38 21.17
C CYS C 22 17.72 14.75 20.58
N ALA C 23 18.24 15.80 21.19
CA ALA C 23 17.98 17.18 20.78
C ALA C 23 19.12 17.68 19.90
N ALA C 24 18.75 18.41 18.86
CA ALA C 24 19.71 18.98 17.91
C ALA C 24 19.90 20.47 18.17
N THR C 25 21.15 20.93 18.11
CA THR C 25 21.50 22.34 18.09
C THR C 25 22.34 22.64 16.86
N GLY C 26 22.21 23.86 16.35
CA GLY C 26 22.97 24.27 15.19
C GLY C 26 22.46 23.73 13.86
N PHE C 27 21.45 22.87 13.87
CA PHE C 27 20.83 22.37 12.65
C PHE C 27 19.47 21.80 12.99
N THR C 28 18.73 21.44 11.94
CA THR C 28 17.36 20.95 12.07
C THR C 28 17.27 19.50 11.64
N LEU C 29 16.40 18.74 12.31
CA LEU C 29 16.26 17.31 12.04
C LEU C 29 15.37 17.00 10.85
N GLU C 30 14.61 17.98 10.35
CA GLU C 30 13.75 17.76 9.20
C GLU C 30 14.58 17.29 8.01
N ASN C 31 14.03 16.30 7.27
CA ASN C 31 14.62 15.67 6.09
C ASN C 31 15.79 14.77 6.40
N LYS C 32 16.05 14.46 7.67
CA LYS C 32 17.14 13.59 8.05
C LYS C 32 16.60 12.36 8.77
N ALA C 33 17.35 11.27 8.68
CA ALA C 33 17.12 10.10 9.51
C ALA C 33 17.95 10.22 10.78
N ILE C 34 17.42 9.68 11.87
CA ILE C 34 18.10 9.70 13.16
C ILE C 34 18.10 8.27 13.71
N GLY C 35 19.27 7.72 13.92
CA GLY C 35 19.43 6.35 14.39
C GLY C 35 20.00 6.31 15.79
N TRP C 36 19.52 5.36 16.58
CA TRP C 36 20.03 5.13 17.92
C TRP C 36 20.93 3.90 17.95
N PHE C 37 22.03 4.01 18.69
CA PHE C 37 22.99 2.94 18.84
C PHE C 37 23.30 2.80 20.33
N ARG C 38 23.92 1.68 20.69
CA ARG C 38 24.34 1.47 22.07
C ARG C 38 25.64 0.70 22.09
N GLN C 39 26.40 0.87 23.18
CA GLN C 39 27.70 0.22 23.30
C GLN C 39 27.91 -0.26 24.72
N THR C 40 28.18 -1.55 24.85
CA THR C 40 28.69 -2.17 26.07
C THR C 40 30.21 -1.96 26.12
N PRO C 41 30.75 -1.59 27.28
CA PRO C 41 32.20 -1.42 27.39
C PRO C 41 32.93 -2.69 26.99
N GLY C 42 33.90 -2.56 26.10
CA GLY C 42 34.63 -3.69 25.56
C GLY C 42 34.01 -4.34 24.34
N SER C 43 32.84 -3.90 23.92
CA SER C 43 32.17 -4.44 22.74
C SER C 43 31.98 -3.36 21.69
N GLU C 44 31.80 -3.80 20.45
CA GLU C 44 31.54 -2.87 19.37
C GLU C 44 30.17 -2.21 19.54
N ARG C 45 30.08 -0.96 19.09
CA ARG C 45 28.80 -0.27 19.08
C ARG C 45 27.82 -1.00 18.16
N GLU C 46 26.59 -1.14 18.62
CA GLU C 46 25.55 -1.87 17.88
C GLU C 46 24.35 -0.99 17.65
N GLY C 47 23.65 -1.25 16.54
CA GLY C 47 22.47 -0.47 16.21
C GLY C 47 21.25 -0.91 17.03
N VAL C 48 20.33 0.03 17.21
CA VAL C 48 19.09 -0.25 17.94
C VAL C 48 17.89 0.02 17.03
N LEU C 49 17.61 1.29 16.79
CA LEU C 49 16.40 1.68 16.09
C LEU C 49 16.61 3.04 15.44
N CYS C 50 16.08 3.19 14.23
CA CYS C 50 16.23 4.42 13.47
C CYS C 50 14.87 4.88 12.95
N ILE C 51 14.72 6.20 12.80
CA ILE C 51 13.50 6.79 12.26
C ILE C 51 13.88 7.62 11.04
N SER C 52 13.19 7.38 9.92
CA SER C 52 13.54 8.03 8.67
C SER C 52 12.95 9.44 8.62
N LYS C 53 13.30 10.15 7.54
CA LYS C 53 12.77 11.50 7.34
C LYS C 53 11.25 11.50 7.17
N SER C 54 10.68 10.38 6.74
CA SER C 54 9.22 10.26 6.63
C SER C 54 8.57 9.95 7.97
N GLY C 55 9.34 9.56 8.98
CA GLY C 55 8.80 9.16 10.27
C GLY C 55 8.65 7.67 10.47
N SER C 56 9.00 6.86 9.47
CA SER C 56 8.86 5.42 9.59
C SER C 56 10.05 4.82 10.33
N TRP C 57 9.86 3.60 10.84
CA TRP C 57 10.83 2.95 11.70
C TRP C 57 11.63 1.90 10.94
N THR C 58 12.90 1.78 11.28
CA THR C 58 13.74 0.67 10.82
C THR C 58 14.49 0.13 12.02
N TYR C 59 14.21 -1.12 12.38
CA TYR C 59 14.92 -1.76 13.48
C TYR C 59 16.28 -2.25 13.00
N TYR C 60 17.32 -1.99 13.79
CA TYR C 60 18.67 -2.40 13.42
C TYR C 60 19.01 -3.80 13.91
N THR C 61 18.38 -4.27 14.98
CA THR C 61 18.49 -5.66 15.41
C THR C 61 17.09 -6.21 15.70
N ASP C 62 16.94 -7.52 15.53
CA ASP C 62 15.63 -8.14 15.68
C ASP C 62 15.15 -8.13 17.13
N SER C 63 16.07 -8.35 18.08
CA SER C 63 15.67 -8.58 19.47
C SER C 63 14.85 -7.43 20.03
N MET C 64 15.19 -6.20 19.66
CA MET C 64 14.61 -5.02 20.28
C MET C 64 13.24 -4.65 19.73
N ARG C 65 12.75 -5.34 18.70
CA ARG C 65 11.43 -5.06 18.19
C ARG C 65 10.38 -5.26 19.28
N GLY C 66 9.38 -4.39 19.30
CA GLY C 66 8.40 -4.42 20.36
C GLY C 66 8.77 -3.54 21.53
N ARG C 67 9.88 -3.85 22.21
CA ARG C 67 10.23 -3.13 23.42
C ARG C 67 10.64 -1.70 23.14
N PHE C 68 11.39 -1.46 22.06
CA PHE C 68 11.87 -0.14 21.71
C PHE C 68 10.95 0.48 20.67
N THR C 69 10.51 1.71 20.94
CA THR C 69 9.76 2.50 19.98
C THR C 69 10.44 3.85 19.84
N ILE C 70 10.04 4.59 18.80
CA ILE C 70 10.72 5.83 18.45
C ILE C 70 9.69 6.80 17.88
N SER C 71 9.97 8.10 18.06
CA SER C 71 9.13 9.15 17.50
C SER C 71 10.00 10.39 17.29
N ARG C 72 9.52 11.30 16.44
CA ARG C 72 10.21 12.54 16.16
C ARG C 72 9.20 13.69 16.18
N ASP C 73 9.70 14.88 16.51
CA ASP C 73 8.89 16.09 16.55
C ASP C 73 9.67 17.19 15.85
N ASN C 74 9.22 17.57 14.65
CA ASN C 74 9.93 18.58 13.88
C ASN C 74 9.86 19.94 14.55
N ALA C 75 8.79 20.22 15.30
CA ALA C 75 8.71 21.46 16.06
C ALA C 75 9.74 21.48 17.19
N GLU C 76 9.78 20.41 17.99
CA GLU C 76 10.74 20.31 19.08
C GLU C 76 12.16 20.03 18.60
N ASN C 77 12.34 19.69 17.32
CA ASN C 77 13.67 19.38 16.78
C ASN C 77 14.34 18.27 17.60
N THR C 78 13.55 17.28 18.00
CA THR C 78 13.98 16.27 18.95
C THR C 78 13.44 14.91 18.55
N VAL C 79 14.24 13.87 18.77
CA VAL C 79 13.85 12.49 18.54
C VAL C 79 13.85 11.77 19.89
N TYR C 80 12.85 10.91 20.11
CA TYR C 80 12.68 10.20 21.36
C TYR C 80 12.77 8.69 21.15
N LEU C 81 13.56 8.03 21.99
CA LEU C 81 13.63 6.57 22.03
C LEU C 81 12.95 6.11 23.30
N GLN C 82 11.81 5.43 23.14
CA GLN C 82 11.05 4.90 24.27
C GLN C 82 11.44 3.45 24.49
N MET C 83 11.95 3.14 25.67
CA MET C 83 12.38 1.80 26.02
C MET C 83 11.47 1.27 27.11
N ASP C 84 10.94 0.05 26.92
CA ASP C 84 10.05 -0.58 27.88
C ASP C 84 10.55 -1.98 28.20
N SER C 85 10.13 -2.48 29.35
CA SER C 85 10.46 -3.85 29.79
C SER C 85 11.97 -4.09 29.74
N LEU C 86 12.71 -3.15 30.32
CA LEU C 86 14.16 -3.18 30.23
C LEU C 86 14.74 -4.38 30.97
N LYS C 87 15.78 -4.97 30.38
CA LYS C 87 16.51 -6.10 30.93
C LYS C 87 17.89 -5.66 31.38
N PRO C 88 18.51 -6.38 32.33
CA PRO C 88 19.88 -6.02 32.73
C PRO C 88 20.86 -5.93 31.56
N GLU C 89 20.70 -6.78 30.54
CA GLU C 89 21.58 -6.75 29.39
C GLU C 89 21.42 -5.49 28.55
N ASP C 90 20.35 -4.71 28.76
CA ASP C 90 20.17 -3.45 28.06
C ASP C 90 21.05 -2.33 28.62
N THR C 91 21.82 -2.62 29.68
CA THR C 91 22.75 -1.64 30.23
C THR C 91 23.82 -1.29 29.21
N ALA C 92 23.93 -0.01 28.87
CA ALA C 92 24.90 0.45 27.88
C ALA C 92 24.84 1.97 27.83
N VAL C 93 25.83 2.55 27.14
CA VAL C 93 25.76 3.95 26.73
C VAL C 93 24.99 4.01 25.42
N TYR C 94 23.99 4.87 25.36
CA TYR C 94 23.11 4.97 24.20
C TYR C 94 23.41 6.26 23.44
N TYR C 95 23.63 6.11 22.13
CA TYR C 95 23.99 7.22 21.27
C TYR C 95 22.91 7.42 20.21
N CYS C 96 22.73 8.68 19.80
CA CYS C 96 21.97 8.99 18.59
C CYS C 96 22.92 9.59 17.55
N ALA C 97 22.54 9.40 16.28
CA ALA C 97 23.38 9.84 15.18
C ALA C 97 22.49 10.27 14.03
N THR C 98 23.02 11.16 13.19
CA THR C 98 22.29 11.61 12.00
C THR C 98 23.30 11.93 10.90
N THR C 99 22.76 12.27 9.74
CA THR C 99 23.55 12.53 8.54
C THR C 99 22.63 13.17 7.51
N THR C 100 23.25 13.77 6.48
CA THR C 100 22.52 14.24 5.32
C THR C 100 22.65 13.29 4.14
N ALA C 101 23.50 12.28 4.24
CA ALA C 101 23.72 11.33 3.15
C ALA C 101 22.72 10.19 3.22
N GLY C 102 22.47 9.57 2.06
CA GLY C 102 21.60 8.42 2.01
C GLY C 102 20.13 8.72 1.88
N GLY C 103 19.77 9.92 1.41
CA GLY C 103 18.39 10.25 1.11
C GLY C 103 17.45 10.26 2.30
N GLY C 104 17.96 10.48 3.51
CA GLY C 104 17.10 10.45 4.67
C GLY C 104 16.55 9.08 5.01
N LEU C 105 17.15 8.02 4.49
CA LEU C 105 16.76 6.66 4.80
C LEU C 105 17.59 6.12 5.97
N CYS C 106 17.10 5.04 6.56
CA CYS C 106 17.73 4.47 7.75
C CYS C 106 18.80 3.44 7.43
N TRP C 107 18.74 2.81 6.25
CA TRP C 107 19.75 1.83 5.81
C TRP C 107 19.77 0.68 6.84
N ASP C 108 20.95 0.14 7.17
CA ASP C 108 21.12 -0.82 8.26
C ASP C 108 22.07 -0.22 9.29
N GLY C 109 22.28 -0.96 10.40
CA GLY C 109 23.12 -0.43 11.46
C GLY C 109 24.54 -0.16 11.02
N THR C 110 25.13 -1.08 10.24
CA THR C 110 26.52 -0.93 9.84
C THR C 110 26.69 0.25 8.89
N THR C 111 25.83 0.35 7.87
CA THR C 111 25.97 1.42 6.88
C THR C 111 25.65 2.78 7.48
N PHE C 112 24.58 2.87 8.29
CA PHE C 112 24.20 4.16 8.84
C PHE C 112 25.24 4.70 9.80
N SER C 113 25.83 3.82 10.62
CA SER C 113 26.89 4.25 11.53
C SER C 113 28.07 4.84 10.76
N ARG C 114 28.35 4.28 9.58
CA ARG C 114 29.41 4.84 8.75
C ARG C 114 28.96 6.11 8.03
N LEU C 115 27.66 6.23 7.73
CA LEU C 115 27.16 7.44 7.10
C LEU C 115 27.10 8.61 8.08
N ALA C 116 26.98 8.32 9.37
CA ALA C 116 26.73 9.36 10.36
C ALA C 116 27.84 10.40 10.36
N SER C 117 27.44 11.66 10.26
CA SER C 117 28.36 12.79 10.37
C SER C 117 28.29 13.48 11.73
N SER C 118 27.27 13.19 12.53
CA SER C 118 27.12 13.75 13.87
C SER C 118 26.75 12.64 14.84
N TRP C 119 27.43 12.61 15.98
CA TRP C 119 27.12 11.71 17.08
C TRP C 119 26.95 12.52 18.35
N GLY C 120 25.95 12.17 19.15
CA GLY C 120 25.87 12.70 20.48
C GLY C 120 26.95 12.10 21.36
N GLN C 121 27.14 12.71 22.54
CA GLN C 121 28.14 12.21 23.46
C GLN C 121 27.70 10.98 24.23
N GLY C 122 26.43 10.61 24.13
CA GLY C 122 25.93 9.39 24.75
C GLY C 122 25.35 9.64 26.13
N THR C 123 24.39 8.80 26.51
CA THR C 123 23.82 8.82 27.84
C THR C 123 23.78 7.40 28.39
N GLN C 124 24.16 7.26 29.65
CA GLN C 124 24.30 5.94 30.26
C GLN C 124 22.94 5.45 30.75
N VAL C 125 22.57 4.24 30.34
CA VAL C 125 21.41 3.53 30.86
C VAL C 125 21.90 2.33 31.64
N THR C 126 21.45 2.20 32.89
CA THR C 126 21.86 1.12 33.77
C THR C 126 20.60 0.44 34.30
N VAL C 127 20.46 -0.83 34.00
CA VAL C 127 19.33 -1.61 34.43
C VAL C 127 19.73 -2.55 35.54
N SER C 128 19.32 -2.21 36.74
CA SER C 128 19.62 -3.03 37.89
C SER C 128 18.62 -2.85 39.01
N SER C 129 18.50 -3.89 39.81
CA SER C 129 17.60 -3.86 40.93
C SER C 129 18.15 -2.93 41.98
C1 NAG D . -29.18 -27.83 3.72
C2 NAG D . -28.22 -29.01 3.56
C3 NAG D . -28.78 -30.25 4.28
C4 NAG D . -29.16 -29.92 5.71
C5 NAG D . -30.09 -28.71 5.74
C6 NAG D . -30.44 -28.26 7.14
C7 NAG D . -26.79 -29.26 1.58
C8 NAG D . -26.74 -29.58 0.12
N2 NAG D . -27.99 -29.30 2.15
O3 NAG D . -27.79 -31.27 4.23
O4 NAG D . -29.87 -31.00 6.32
O5 NAG D . -29.46 -27.61 5.09
O6 NAG D . -29.57 -27.22 7.58
O7 NAG D . -25.78 -28.96 2.22
C1 NAG D . -29.03 -32.03 6.88
C2 NAG D . -29.07 -32.01 8.41
C3 NAG D . -28.26 -33.17 8.97
C4 NAG D . -28.74 -34.49 8.38
C5 NAG D . -28.73 -34.43 6.86
C6 NAG D . -29.35 -35.64 6.22
C7 NAG D . -29.27 -29.98 9.79
C8 NAG D . -28.60 -28.71 10.23
N2 NAG D . -28.58 -30.75 8.94
O3 NAG D . -28.37 -33.19 10.40
O4 NAG D . -27.88 -35.55 8.80
O5 NAG D . -29.50 -33.30 6.42
O6 NAG D . -30.75 -35.69 6.42
O7 NAG D . -30.40 -30.29 10.17
C1 BMA D . -28.48 -36.28 9.89
C2 BMA D . -28.04 -37.75 9.81
C3 BMA D . -28.54 -38.52 11.02
C4 BMA D . -28.25 -37.78 12.33
C5 BMA D . -28.78 -36.35 12.26
C6 BMA D . -28.47 -35.53 13.50
O2 BMA D . -26.62 -37.84 9.82
O3 BMA D . -27.97 -39.83 11.05
O4 BMA D . -28.86 -38.46 13.42
O5 BMA D . -28.17 -35.70 11.14
O6 BMA D . -28.95 -34.21 13.31
C1 MAN D . -29.01 -40.82 10.99
C2 MAN D . -28.39 -42.21 11.20
C3 MAN D . -27.60 -42.60 9.95
C4 MAN D . -28.48 -42.50 8.70
C5 MAN D . -29.09 -41.09 8.58
C6 MAN D . -30.10 -40.97 7.45
O2 MAN D . -29.39 -43.22 11.35
O3 MAN D . -27.03 -43.90 10.06
O4 MAN D . -27.70 -42.78 7.54
O5 MAN D . -29.78 -40.74 9.81
O6 MAN D . -30.44 -39.59 7.32
C1 NAG E . 7.29 1.06 9.75
C2 NAG E . 7.14 -0.13 10.71
C3 NAG E . 5.88 0.02 11.57
C4 NAG E . 5.81 1.40 12.21
C5 NAG E . 6.01 2.48 11.17
C6 NAG E . 6.07 3.88 11.76
C7 NAG E . 8.14 -2.18 9.79
C8 NAG E . 7.89 -3.42 8.97
N2 NAG E . 7.09 -1.37 9.95
O3 NAG E . 5.90 -0.99 12.57
O4 NAG E . 4.52 1.59 12.79
O5 NAG E . 7.26 2.27 10.50
O6 NAG E . 5.83 4.86 10.78
O7 NAG E . 9.24 -1.93 10.28
C1 NAG E . 4.46 1.24 14.18
C2 NAG E . 3.26 1.91 14.82
C3 NAG E . 3.17 1.53 16.30
C4 NAG E . 3.23 0.02 16.49
C5 NAG E . 4.40 -0.59 15.71
C6 NAG E . 4.36 -2.10 15.69
C7 NAG E . 2.55 4.06 13.87
C8 NAG E . 2.77 5.54 13.84
N2 NAG E . 3.35 3.35 14.68
O3 NAG E . 1.97 2.04 16.85
O4 NAG E . 3.44 -0.27 17.87
O5 NAG E . 4.38 -0.16 14.34
O6 NAG E . 3.11 -2.59 15.24
O7 NAG E . 1.67 3.52 13.18
C1 BMA E . 2.23 -0.70 18.50
C2 BMA E . 2.60 -1.74 19.57
C3 BMA E . 1.38 -2.11 20.43
C4 BMA E . 0.57 -0.88 20.85
C5 BMA E . 0.27 0.02 19.65
C6 BMA E . -0.46 1.27 20.08
O2 BMA E . 3.59 -1.22 20.44
O3 BMA E . 1.76 -2.81 21.61
O4 BMA E . -0.66 -1.30 21.43
O5 BMA E . 1.52 0.39 19.05
O6 BMA E . -0.64 2.08 18.93
C1 MAN E . -1.27 3.31 19.36
C2 MAN E . -1.78 4.04 18.13
C3 MAN E . -0.59 4.54 17.29
C4 MAN E . 0.36 5.37 18.17
C5 MAN E . 0.79 4.56 19.42
C6 MAN E . 1.58 5.38 20.41
O2 MAN E . -2.51 5.21 18.48
O3 MAN E . -1.01 5.29 16.15
O4 MAN E . 1.51 5.76 17.41
O5 MAN E . -0.40 4.10 20.12
O6 MAN E . 1.15 6.72 20.28
C1 MAN E . -0.82 4.50 14.96
C2 MAN E . -1.15 5.34 13.70
C3 MAN E . -2.67 5.42 13.48
C4 MAN E . -3.32 4.03 13.56
C5 MAN E . -2.96 3.34 14.87
C6 MAN E . -3.53 1.92 14.97
O2 MAN E . -0.61 4.75 12.52
O3 MAN E . -2.98 6.03 12.23
O4 MAN E . -4.74 4.16 13.50
O5 MAN E . -1.51 3.26 14.99
O6 MAN E . -3.48 1.32 13.67
C1 MAN E . 1.12 7.38 21.54
C2 MAN E . -0.11 8.29 21.56
C3 MAN E . 0.01 9.22 20.35
C4 MAN E . 1.33 10.01 20.40
C5 MAN E . 2.55 9.05 20.63
C6 MAN E . 3.85 9.78 20.96
O2 MAN E . -0.12 9.15 22.71
O3 MAN E . -1.11 10.12 20.22
O4 MAN E . 1.51 10.74 19.20
O5 MAN E . 2.28 8.12 21.71
O6 MAN E . 4.85 8.82 21.27
C1 MAN E . 1.49 -4.21 21.44
C2 MAN E . 1.32 -4.82 22.84
C3 MAN E . 2.66 -4.77 23.58
C4 MAN E . 3.80 -5.40 22.72
C5 MAN E . 3.83 -4.76 21.32
C6 MAN E . 4.79 -5.45 20.37
O2 MAN E . 0.94 -6.20 22.81
O3 MAN E . 2.57 -5.39 24.87
O4 MAN E . 5.07 -5.23 23.36
O5 MAN E . 2.52 -4.83 20.72
O6 MAN E . 4.61 -4.91 19.06
C1 NAG F . -43.89 -23.03 -0.43
C2 NAG F . -44.26 -24.34 0.26
C3 NAG F . -45.31 -24.08 1.34
C4 NAG F . -44.86 -22.98 2.29
C5 NAG F . -44.42 -21.75 1.51
C6 NAG F . -43.79 -20.69 2.40
C7 NAG F . -44.02 -26.36 -1.11
C8 NAG F . -44.68 -27.26 -2.12
N2 NAG F . -44.75 -25.31 -0.70
O3 NAG F . -45.53 -25.28 2.08
O4 NAG F . -45.94 -22.61 3.14
O5 NAG F . -43.43 -22.09 0.54
O6 NAG F . -43.67 -19.44 1.71
O7 NAG F . -42.89 -26.56 -0.69
C1 NAG F . -45.73 -22.98 4.52
C2 NAG F . -46.72 -22.16 5.37
C3 NAG F . -46.63 -22.57 6.84
C4 NAG F . -46.80 -24.08 6.99
C5 NAG F . -45.78 -24.79 6.11
C6 NAG F . -45.91 -26.30 6.15
C7 NAG F . -47.10 -19.94 4.38
C8 NAG F . -46.68 -18.50 4.37
N2 NAG F . -46.44 -20.74 5.23
O3 NAG F . -47.66 -21.91 7.57
O4 NAG F . -46.63 -24.47 8.34
O5 NAG F . -45.94 -24.38 4.75
O6 NAG F . -46.77 -26.76 5.12
O7 NAG F . -48.00 -20.36 3.65
C1 NAG G . -39.39 0.28 8.84
C2 NAG G . -39.84 1.60 8.22
C3 NAG G . -41.27 1.93 8.64
C4 NAG G . -42.20 0.76 8.36
C5 NAG G . -41.65 -0.52 8.97
C6 NAG G . -42.45 -1.75 8.61
C7 NAG G . -38.04 3.20 7.73
C8 NAG G . -37.18 4.31 8.28
N2 NAG G . -38.93 2.68 8.58
O3 NAG G . -41.71 3.08 7.92
O4 NAG G . -43.47 1.03 8.93
O5 NAG G . -40.31 -0.75 8.51
O6 NAG G . -42.28 -2.10 7.25
O7 NAG G . -37.92 2.81 6.57
C1 NAG G . -44.48 1.16 7.91
C2 NAG G . -45.86 0.88 8.53
C3 NAG G . -46.96 1.06 7.50
C4 NAG G . -46.85 2.43 6.83
C5 NAG G . -45.44 2.63 6.28
C6 NAG G . -45.22 4.01 5.71
C7 NAG G . -45.61 -0.75 10.36
C8 NAG G . -45.69 -2.20 10.75
N2 NAG G . -45.90 -0.47 9.08
O3 NAG G . -48.23 0.94 8.14
O4 NAG G . -47.78 2.51 5.75
O5 NAG G . -44.48 2.47 7.34
O6 NAG G . -45.17 5.00 6.74
O7 NAG G . -45.29 0.11 11.16
C1 NAG H . 33.33 4.46 2.76
C2 NAG H . 32.64 4.25 4.11
C3 NAG H . 33.25 5.17 5.16
C4 NAG H . 34.78 5.06 5.20
C5 NAG H . 35.36 5.17 3.79
C6 NAG H . 36.85 4.86 3.74
C7 NAG H . 30.28 3.56 4.08
C8 NAG H . 28.86 4.01 3.96
N2 NAG H . 31.21 4.51 4.00
O3 NAG H . 32.72 4.83 6.44
O4 NAG H . 35.29 6.14 5.96
O5 NAG H . 34.72 4.24 2.91
O6 NAG H . 37.39 5.13 2.46
O7 NAG H . 30.57 2.38 4.26
C1 NAG H . 36.08 5.71 7.07
C2 NAG H . 36.80 6.94 7.62
C3 NAG H . 37.67 6.56 8.80
C4 NAG H . 36.87 5.80 9.85
C5 NAG H . 36.10 4.64 9.21
C6 NAG H . 35.13 3.97 10.15
C7 NAG H . 37.33 8.83 6.13
C8 NAG H . 38.24 9.35 5.07
N2 NAG H . 37.58 7.59 6.59
O3 NAG H . 38.23 7.73 9.38
O4 NAG H . 37.75 5.28 10.83
O5 NAG H . 35.31 5.12 8.09
O6 NAG H . 34.04 4.82 10.50
O7 NAG H . 36.40 9.50 6.58
C1 BMA H . 37.44 5.82 12.12
C2 BMA H . 37.73 4.75 13.14
C3 BMA H . 37.50 5.26 14.57
C4 BMA H . 37.90 6.74 14.82
C5 BMA H . 37.67 7.66 13.60
C6 BMA H . 38.43 8.98 13.73
O2 BMA H . 39.09 4.34 13.06
O3 BMA H . 38.23 4.47 15.46
O4 BMA H . 37.16 7.23 15.95
O5 BMA H . 38.13 7.01 12.42
O6 BMA H . 37.82 9.95 12.89
C1 MAN H . 37.30 3.78 16.29
C2 MAN H . 37.98 3.42 17.59
C3 MAN H . 38.98 2.28 17.38
C4 MAN H . 38.35 1.12 16.58
C5 MAN H . 37.72 1.65 15.30
C6 MAN H . 36.99 0.59 14.50
O2 MAN H . 37.04 2.89 18.51
O3 MAN H . 39.50 1.80 18.62
O4 MAN H . 39.34 0.16 16.22
O5 MAN H . 36.75 2.67 15.64
O6 MAN H . 36.27 1.24 13.47
C1 MAN H . 36.63 3.87 19.46
C2 MAN H . 36.17 3.06 20.66
C3 MAN H . 35.13 2.09 20.12
C4 MAN H . 33.95 2.84 19.48
C5 MAN H . 34.45 3.91 18.45
C6 MAN H . 33.37 4.93 18.08
O2 MAN H . 35.49 3.88 21.63
O3 MAN H . 34.66 1.17 21.11
O4 MAN H . 33.11 1.90 18.82
O5 MAN H . 35.59 4.65 18.96
O6 MAN H . 33.91 5.78 17.07
C1 NAG I . 39.15 -9.99 -7.66
C2 NAG I . 39.40 -10.42 -9.11
C3 NAG I . 39.32 -11.94 -9.25
C4 NAG I . 40.25 -12.61 -8.26
C5 NAG I . 39.93 -12.13 -6.85
C6 NAG I . 40.87 -12.68 -5.81
C7 NAG I . 38.82 -9.07 -11.07
C8 NAG I . 37.72 -8.48 -11.89
N2 NAG I . 38.45 -9.78 -10.01
O3 NAG I . 39.70 -12.29 -10.58
O4 NAG I . 40.09 -14.03 -8.32
O5 NAG I . 40.05 -10.70 -6.80
O6 NAG I . 40.49 -12.24 -4.50
O7 NAG I . 40.00 -8.91 -11.36
C1 GOL J . -15.03 7.07 -15.64
O1 GOL J . -14.67 5.72 -15.44
C2 GOL J . -15.23 7.77 -14.29
O2 GOL J . -16.42 8.54 -14.35
C3 GOL J . -14.06 8.71 -14.04
O3 GOL J . -14.40 9.64 -13.04
C1 GOL K . -43.56 -11.02 1.71
O1 GOL K . -42.29 -11.32 2.22
C2 GOL K . -43.51 -9.69 0.95
O2 GOL K . -43.82 -9.93 -0.41
C3 GOL K . -44.54 -8.71 1.52
O3 GOL K . -44.12 -7.39 1.32
C1 GOL L . -12.28 2.72 -13.61
O1 GOL L . -12.81 1.70 -12.81
C2 GOL L . -12.43 4.05 -12.88
O2 GOL L . -11.64 4.03 -11.70
C3 GOL L . -11.93 5.17 -13.78
O3 GOL L . -12.01 6.40 -13.09
C1 GOL M . 10.01 -10.06 -11.77
O1 GOL M . 9.67 -11.07 -10.86
C2 GOL M . 10.96 -10.62 -12.82
O2 GOL M . 10.37 -11.76 -13.41
C3 GOL M . 11.19 -9.56 -13.89
O3 GOL M . 12.26 -9.99 -14.72
#